data_5FZW
#
_entry.id   5FZW
#
_cell.length_a   1.000
_cell.length_b   1.000
_cell.length_c   1.000
_cell.angle_alpha   90.00
_cell.angle_beta   90.00
_cell.angle_gamma   90.00
#
_symmetry.space_group_name_H-M   'P 1'
#
_entity_poly.entity_id   1
_entity_poly.type   'polypeptide(L)'
_entity_poly.pdbx_seq_one_letter_code
;GLIESIACMQKGLPCMEHVDCCHGVCDSLFCLY
;
_entity_poly.pdbx_strand_id   A
#
# COMPACT_ATOMS: atom_id res chain seq x y z
N GLY A 1 -9.75 -2.85 5.08
CA GLY A 1 -9.82 -1.49 4.50
C GLY A 1 -8.46 -0.84 4.43
N LEU A 2 -8.36 0.38 4.94
CA LEU A 2 -7.09 1.09 4.95
C LEU A 2 -6.65 1.35 6.40
N ILE A 3 -5.34 1.45 6.60
CA ILE A 3 -4.76 1.76 7.93
C ILE A 3 -4.79 0.54 8.86
N GLU A 4 -3.88 0.52 9.84
CA GLU A 4 -3.71 -0.60 10.78
C GLU A 4 -2.96 -1.75 10.13
N SER A 5 -2.05 -2.38 10.89
CA SER A 5 -1.17 -3.44 10.39
C SER A 5 -0.06 -2.84 9.51
N ILE A 6 0.96 -3.64 9.20
CA ILE A 6 2.10 -3.14 8.41
C ILE A 6 2.62 -4.22 7.46
N ALA A 7 2.01 -4.29 6.27
CA ALA A 7 2.49 -5.17 5.21
C ALA A 7 3.42 -4.39 4.27
N CYS A 8 4.24 -5.10 3.49
CA CYS A 8 5.14 -4.42 2.58
C CYS A 8 5.05 -5.00 1.16
N MET A 9 4.55 -4.16 0.26
CA MET A 9 4.55 -4.42 -1.17
C MET A 9 5.41 -3.37 -1.86
N GLN A 10 6.10 -3.79 -2.90
CA GLN A 10 7.04 -2.92 -3.61
C GLN A 10 6.30 -1.86 -4.41
N LYS A 11 7.04 -0.83 -4.81
CA LYS A 11 6.49 0.26 -5.58
C LYS A 11 5.95 -0.22 -6.92
N GLY A 12 4.71 0.12 -7.21
CA GLY A 12 4.08 -0.32 -8.44
C GLY A 12 3.26 -1.59 -8.28
N LEU A 13 3.20 -2.10 -7.06
CA LEU A 13 2.44 -3.32 -6.79
C LEU A 13 1.04 -2.97 -6.30
N PRO A 14 0.07 -3.87 -6.51
CA PRO A 14 -1.32 -3.64 -6.12
C PRO A 14 -1.50 -3.57 -4.61
N CYS A 15 -2.05 -2.47 -4.13
CA CYS A 15 -2.32 -2.30 -2.72
C CYS A 15 -3.75 -1.83 -2.52
N MET A 16 -4.43 -2.37 -1.53
CA MET A 16 -5.80 -1.97 -1.25
C MET A 16 -5.89 -1.36 0.14
N GLU A 17 -4.89 -1.68 0.95
CA GLU A 17 -4.75 -1.14 2.29
C GLU A 17 -3.59 -0.16 2.27
N HIS A 18 -3.83 1.03 2.82
CA HIS A 18 -2.89 2.16 2.74
C HIS A 18 -1.51 1.78 3.28
N VAL A 19 -1.49 0.95 4.29
CA VAL A 19 -0.26 0.51 4.93
C VAL A 19 0.34 -0.73 4.26
N ASP A 20 -0.32 -1.24 3.23
CA ASP A 20 0.10 -2.46 2.54
C ASP A 20 1.43 -2.23 1.83
N CYS A 21 1.74 -0.96 1.62
CA CYS A 21 2.97 -0.54 0.99
C CYS A 21 4.00 -0.18 2.05
N CYS A 22 5.24 -0.62 1.83
CA CYS A 22 6.33 -0.46 2.78
C CYS A 22 6.58 1.02 3.12
N HIS A 23 6.22 1.91 2.20
CA HIS A 23 6.37 3.35 2.43
C HIS A 23 5.08 3.95 2.99
N GLY A 24 4.02 3.14 3.04
CA GLY A 24 2.77 3.58 3.62
C GLY A 24 1.99 4.57 2.76
N VAL A 25 2.16 4.52 1.44
CA VAL A 25 1.41 5.40 0.56
C VAL A 25 0.68 4.62 -0.53
N CYS A 26 -0.63 4.55 -0.42
CA CYS A 26 -1.47 4.00 -1.49
C CYS A 26 -2.21 5.12 -2.20
N ASP A 27 -2.08 5.16 -3.52
CA ASP A 27 -2.79 6.14 -4.32
C ASP A 27 -3.11 5.54 -5.67
N SER A 28 -4.37 5.60 -6.12
CA SER A 28 -4.74 4.99 -7.40
C SER A 28 -4.38 3.52 -7.32
N LEU A 29 -5.12 2.78 -6.50
CA LEU A 29 -4.58 1.73 -5.63
C LEU A 29 -3.51 0.86 -6.30
N PHE A 30 -2.30 1.39 -6.16
CA PHE A 30 -1.04 0.70 -6.37
C PHE A 30 -0.04 1.39 -5.45
N CYS A 31 0.95 0.67 -4.97
CA CYS A 31 1.97 1.27 -4.11
C CYS A 31 2.66 2.43 -4.80
N LEU A 32 2.39 3.63 -4.32
CA LEU A 32 2.87 4.86 -4.93
C LEU A 32 4.36 5.01 -4.66
N TYR A 33 4.76 4.74 -3.43
CA TYR A 33 6.18 4.75 -3.06
C TYR A 33 6.58 3.38 -2.57
N GLY A 1 -10.93 -1.60 4.04
CA GLY A 1 -10.54 -0.35 4.72
C GLY A 1 -9.05 -0.12 4.68
N LEU A 2 -8.62 1.07 5.05
CA LEU A 2 -7.21 1.40 5.09
C LEU A 2 -6.77 1.63 6.54
N ILE A 3 -5.49 1.38 6.82
CA ILE A 3 -4.93 1.52 8.16
C ILE A 3 -5.50 0.45 9.08
N GLU A 4 -5.14 -0.80 8.80
CA GLU A 4 -5.61 -1.93 9.59
C GLU A 4 -4.55 -3.02 9.67
N SER A 5 -4.09 -3.47 8.52
CA SER A 5 -3.14 -4.59 8.45
C SER A 5 -1.82 -4.16 7.83
N ILE A 6 -0.72 -4.38 8.52
CA ILE A 6 0.56 -3.80 8.14
C ILE A 6 1.43 -4.79 7.35
N ALA A 7 0.80 -5.47 6.41
CA ALA A 7 1.53 -6.25 5.42
C ALA A 7 1.71 -5.38 4.19
N CYS A 8 2.84 -5.45 3.50
CA CYS A 8 3.08 -4.49 2.44
C CYS A 8 3.59 -5.12 1.15
N MET A 9 3.21 -4.48 0.05
CA MET A 9 3.70 -4.80 -1.28
C MET A 9 4.77 -3.78 -1.65
N GLN A 10 5.81 -4.22 -2.33
CA GLN A 10 6.91 -3.33 -2.70
C GLN A 10 6.53 -2.42 -3.86
N LYS A 11 7.45 -1.51 -4.20
CA LYS A 11 7.27 -0.55 -5.28
C LYS A 11 6.75 -1.21 -6.56
N GLY A 12 5.69 -0.64 -7.11
CA GLY A 12 5.13 -1.12 -8.36
C GLY A 12 4.10 -2.22 -8.19
N LEU A 13 3.68 -2.48 -6.96
CA LEU A 13 2.70 -3.53 -6.71
C LEU A 13 1.39 -2.96 -6.18
N PRO A 14 0.27 -3.66 -6.46
CA PRO A 14 -1.07 -3.24 -6.03
C PRO A 14 -1.24 -3.27 -4.51
N CYS A 15 -1.76 -2.21 -3.95
CA CYS A 15 -2.03 -2.15 -2.52
C CYS A 15 -3.37 -1.50 -2.28
N MET A 16 -4.22 -2.15 -1.49
CA MET A 16 -5.60 -1.68 -1.28
C MET A 16 -5.79 -1.20 0.15
N GLU A 17 -4.73 -1.26 0.91
CA GLU A 17 -4.71 -0.80 2.27
C GLU A 17 -3.56 0.19 2.42
N HIS A 18 -3.77 1.28 3.14
CA HIS A 18 -2.80 2.39 3.17
C HIS A 18 -1.38 1.89 3.46
N VAL A 19 -1.26 1.05 4.48
CA VAL A 19 0.03 0.52 4.87
C VAL A 19 0.40 -0.75 4.11
N ASP A 20 -0.49 -1.18 3.21
CA ASP A 20 -0.26 -2.37 2.38
C ASP A 20 0.80 -2.07 1.34
N CYS A 21 1.24 -0.83 1.30
CA CYS A 21 2.39 -0.45 0.50
C CYS A 21 3.61 -0.37 1.39
N CYS A 22 4.73 -0.93 0.93
CA CYS A 22 5.97 -0.88 1.70
C CYS A 22 6.51 0.54 1.78
N HIS A 23 5.93 1.44 1.00
CA HIS A 23 6.27 2.86 1.09
C HIS A 23 5.22 3.62 1.88
N GLY A 24 4.18 2.92 2.33
CA GLY A 24 3.17 3.52 3.19
C GLY A 24 2.16 4.38 2.47
N VAL A 25 2.30 4.54 1.17
CA VAL A 25 1.40 5.42 0.43
C VAL A 25 0.66 4.66 -0.66
N CYS A 26 -0.63 4.46 -0.46
CA CYS A 26 -1.49 3.82 -1.45
C CYS A 26 -2.42 4.83 -2.10
N ASP A 27 -2.16 5.13 -3.36
CA ASP A 27 -2.97 6.07 -4.12
C ASP A 27 -3.20 5.51 -5.51
N SER A 28 -4.45 5.49 -5.99
CA SER A 28 -4.75 4.85 -7.26
C SER A 28 -4.30 3.40 -7.15
N LEU A 29 -5.02 2.65 -6.31
CA LEU A 29 -4.44 1.65 -5.43
C LEU A 29 -3.33 0.84 -6.08
N PHE A 30 -2.15 1.42 -5.93
CA PHE A 30 -0.85 0.82 -6.16
C PHE A 30 0.10 1.56 -5.25
N CYS A 31 1.29 1.04 -5.02
CA CYS A 31 2.31 1.83 -4.34
C CYS A 31 2.57 3.12 -5.12
N LEU A 32 2.18 4.24 -4.50
CA LEU A 32 2.36 5.56 -5.11
C LEU A 32 3.83 5.87 -5.29
N TYR A 33 4.62 5.44 -4.32
CA TYR A 33 6.06 5.58 -4.39
C TYR A 33 6.70 4.25 -4.74
N GLY A 1 -10.51 -1.07 4.11
CA GLY A 1 -10.17 0.22 4.76
C GLY A 1 -8.68 0.49 4.70
N LEU A 2 -8.25 1.51 5.42
CA LEU A 2 -6.83 1.84 5.48
C LEU A 2 -6.29 1.52 6.88
N ILE A 3 -5.09 0.94 6.93
CA ILE A 3 -4.46 0.57 8.21
C ILE A 3 -5.30 -0.50 8.91
N GLU A 4 -5.16 -1.75 8.49
CA GLU A 4 -5.94 -2.84 9.06
C GLU A 4 -5.06 -4.06 9.34
N SER A 5 -4.62 -4.75 8.29
CA SER A 5 -3.88 -5.99 8.47
C SER A 5 -3.29 -6.50 7.15
N ILE A 6 -2.55 -5.65 6.46
CA ILE A 6 -1.88 -6.05 5.24
C ILE A 6 -0.38 -5.77 5.33
N ALA A 7 0.43 -6.75 4.91
CA ALA A 7 1.89 -6.65 4.99
C ALA A 7 2.46 -5.95 3.76
N CYS A 8 3.67 -5.41 3.90
CA CYS A 8 4.28 -4.58 2.85
C CYS A 8 4.42 -5.30 1.52
N MET A 9 4.16 -4.55 0.46
CA MET A 9 4.44 -4.97 -0.90
C MET A 9 5.42 -3.97 -1.54
N GLN A 10 6.00 -4.37 -2.66
CA GLN A 10 7.04 -3.57 -3.30
C GLN A 10 6.48 -2.58 -4.30
N LYS A 11 7.35 -1.71 -4.80
CA LYS A 11 6.97 -0.66 -5.74
C LYS A 11 6.35 -1.25 -7.01
N GLY A 12 5.19 -0.74 -7.39
CA GLY A 12 4.54 -1.17 -8.61
C GLY A 12 3.45 -2.19 -8.40
N LEU A 13 3.26 -2.63 -7.16
CA LEU A 13 2.24 -3.61 -6.87
C LEU A 13 0.95 -2.93 -6.43
N PRO A 14 -0.21 -3.60 -6.63
CA PRO A 14 -1.52 -3.05 -6.29
C PRO A 14 -1.79 -3.09 -4.79
N CYS A 15 -1.99 -1.93 -4.19
CA CYS A 15 -2.16 -1.84 -2.75
C CYS A 15 -3.61 -1.55 -2.42
N MET A 16 -4.06 -1.92 -1.23
CA MET A 16 -5.45 -1.70 -0.86
C MET A 16 -5.58 -0.83 0.38
N GLU A 17 -4.63 -0.94 1.31
CA GLU A 17 -4.67 -0.10 2.49
C GLU A 17 -3.39 0.74 2.60
N HIS A 18 -3.40 1.68 3.54
CA HIS A 18 -2.33 2.67 3.65
C HIS A 18 -0.95 2.03 3.84
N VAL A 19 -0.87 1.08 4.77
CA VAL A 19 0.41 0.47 5.13
C VAL A 19 0.75 -0.72 4.24
N ASP A 20 -0.10 -0.98 3.25
CA ASP A 20 0.09 -2.12 2.34
C ASP A 20 1.43 -2.00 1.63
N CYS A 21 1.81 -0.77 1.36
CA CYS A 21 3.13 -0.47 0.83
C CYS A 21 4.02 0.00 1.97
N CYS A 22 5.26 -0.49 2.02
CA CYS A 22 6.15 -0.20 3.14
C CYS A 22 6.55 1.28 3.20
N HIS A 23 6.27 2.02 2.13
CA HIS A 23 6.46 3.47 2.16
C HIS A 23 5.28 4.16 2.81
N GLY A 24 4.17 3.44 2.93
CA GLY A 24 3.02 3.95 3.64
C GLY A 24 2.08 4.81 2.81
N VAL A 25 2.19 4.76 1.49
CA VAL A 25 1.31 5.55 0.65
C VAL A 25 0.59 4.69 -0.40
N CYS A 26 -0.71 4.52 -0.22
CA CYS A 26 -1.53 3.82 -1.20
C CYS A 26 -2.39 4.83 -1.96
N ASP A 27 -2.26 4.87 -3.29
CA ASP A 27 -3.08 5.75 -4.12
C ASP A 27 -3.19 5.18 -5.52
N SER A 28 -4.38 5.29 -6.15
CA SER A 28 -4.56 4.78 -7.51
C SER A 28 -4.13 3.33 -7.52
N LEU A 29 -4.89 2.50 -6.82
CA LEU A 29 -4.34 1.45 -5.95
C LEU A 29 -3.16 0.72 -6.58
N PHE A 30 -2.01 1.34 -6.34
CA PHE A 30 -0.69 0.78 -6.56
C PHE A 30 0.23 1.49 -5.57
N CYS A 31 1.33 0.87 -5.21
CA CYS A 31 2.31 1.53 -4.36
C CYS A 31 2.77 2.84 -4.99
N LEU A 32 2.27 3.94 -4.42
CA LEU A 32 2.54 5.27 -4.95
C LEU A 32 4.03 5.57 -4.82
N TYR A 33 4.61 5.18 -3.70
CA TYR A 33 6.04 5.31 -3.48
C TYR A 33 6.68 3.93 -3.36
N GLY A 1 -11.44 -1.06 5.27
CA GLY A 1 -10.83 0.29 5.34
C GLY A 1 -9.31 0.23 5.27
N LEU A 2 -8.69 1.39 5.13
CA LEU A 2 -7.24 1.45 5.03
C LEU A 2 -6.62 1.55 6.42
N ILE A 3 -5.34 1.15 6.53
CA ILE A 3 -4.65 1.13 7.82
C ILE A 3 -5.35 0.17 8.80
N GLU A 4 -5.17 -1.12 8.56
CA GLU A 4 -5.74 -2.16 9.41
C GLU A 4 -4.88 -3.41 9.41
N SER A 5 -4.37 -3.77 8.23
CA SER A 5 -3.58 -4.98 8.09
C SER A 5 -2.24 -4.65 7.42
N ILE A 6 -1.14 -4.92 8.11
CA ILE A 6 0.18 -4.48 7.66
C ILE A 6 0.89 -5.56 6.85
N ALA A 7 0.48 -5.71 5.60
CA ALA A 7 1.21 -6.51 4.63
C ALA A 7 2.13 -5.60 3.84
N CYS A 8 3.16 -6.11 3.20
CA CYS A 8 4.02 -5.26 2.39
C CYS A 8 4.07 -5.72 0.95
N MET A 9 3.57 -4.87 0.08
CA MET A 9 3.68 -5.07 -1.36
C MET A 9 4.89 -4.30 -1.86
N GLN A 10 5.48 -4.79 -2.93
CA GLN A 10 6.68 -4.18 -3.51
C GLN A 10 6.31 -2.88 -4.24
N LYS A 11 7.32 -2.14 -4.64
CA LYS A 11 7.10 -0.89 -5.35
C LYS A 11 6.45 -1.17 -6.71
N GLY A 12 5.39 -0.44 -7.00
CA GLY A 12 4.68 -0.65 -8.25
C GLY A 12 3.64 -1.74 -8.17
N LEU A 13 3.45 -2.31 -6.98
CA LEU A 13 2.47 -3.37 -6.81
C LEU A 13 1.17 -2.81 -6.25
N PRO A 14 0.05 -3.51 -6.50
CA PRO A 14 -1.27 -3.08 -6.00
C PRO A 14 -1.37 -3.18 -4.49
N CYS A 15 -1.67 -2.06 -3.84
CA CYS A 15 -1.84 -2.04 -2.41
C CYS A 15 -3.21 -1.47 -2.08
N MET A 16 -3.91 -2.10 -1.16
CA MET A 16 -5.32 -1.76 -0.92
C MET A 16 -5.48 -0.85 0.28
N GLU A 17 -4.45 -0.73 1.08
CA GLU A 17 -4.47 0.14 2.24
C GLU A 17 -3.08 0.69 2.47
N HIS A 18 -2.99 1.86 3.12
CA HIS A 18 -1.71 2.56 3.28
C HIS A 18 -0.60 1.66 3.78
N VAL A 19 -0.89 0.87 4.80
CA VAL A 19 0.11 0.03 5.43
C VAL A 19 0.33 -1.27 4.66
N ASP A 20 -0.41 -1.44 3.56
CA ASP A 20 -0.24 -2.59 2.67
C ASP A 20 0.96 -2.33 1.76
N CYS A 21 1.33 -1.07 1.66
CA CYS A 21 2.49 -0.67 0.89
C CYS A 21 3.68 -0.43 1.81
N CYS A 22 4.83 -0.99 1.46
CA CYS A 22 6.06 -0.74 2.19
C CYS A 22 6.48 0.73 2.13
N HIS A 23 5.83 1.51 1.27
CA HIS A 23 6.12 2.95 1.18
C HIS A 23 5.05 3.76 1.92
N GLY A 24 4.03 3.08 2.44
CA GLY A 24 3.04 3.73 3.28
C GLY A 24 2.04 4.60 2.52
N VAL A 25 2.18 4.72 1.21
CA VAL A 25 1.30 5.60 0.45
C VAL A 25 0.57 4.82 -0.63
N CYS A 26 -0.72 4.63 -0.43
CA CYS A 26 -1.56 3.95 -1.41
C CYS A 26 -2.50 4.90 -2.10
N ASP A 27 -2.24 5.16 -3.38
CA ASP A 27 -3.10 6.00 -4.19
C ASP A 27 -3.21 5.38 -5.57
N SER A 28 -4.40 5.41 -6.19
CA SER A 28 -4.60 4.71 -7.47
C SER A 28 -4.09 3.28 -7.30
N LEU A 29 -4.81 2.52 -6.47
CA LEU A 29 -4.22 1.54 -5.55
C LEU A 29 -3.07 0.75 -6.17
N PHE A 30 -1.91 1.35 -5.99
CA PHE A 30 -0.61 0.77 -6.19
C PHE A 30 0.30 1.51 -5.23
N CYS A 31 1.47 0.97 -4.92
CA CYS A 31 2.44 1.74 -4.17
C CYS A 31 2.77 3.03 -4.93
N LEU A 32 2.24 4.14 -4.42
CA LEU A 32 2.33 5.43 -5.07
C LEU A 32 3.78 5.85 -5.28
N TYR A 33 4.59 5.63 -4.26
CA TYR A 33 6.01 5.92 -4.36
C TYR A 33 6.78 4.70 -4.80
N GLY A 1 -11.25 -0.43 2.57
CA GLY A 1 -10.74 0.18 3.83
C GLY A 1 -9.23 0.28 3.84
N LEU A 2 -8.70 1.18 4.64
CA LEU A 2 -7.26 1.35 4.75
C LEU A 2 -6.79 0.88 6.13
N ILE A 3 -5.46 0.68 6.27
CA ILE A 3 -4.81 0.28 7.53
C ILE A 3 -5.64 -0.73 8.35
N GLU A 4 -5.46 -2.01 8.03
CA GLU A 4 -6.13 -3.09 8.74
C GLU A 4 -5.11 -4.15 9.14
N SER A 5 -3.97 -4.16 8.45
CA SER A 5 -2.91 -5.11 8.71
C SER A 5 -1.57 -4.37 8.67
N ILE A 6 -0.46 -5.12 8.62
CA ILE A 6 0.86 -4.51 8.53
C ILE A 6 1.67 -5.22 7.44
N ALA A 7 0.97 -5.64 6.40
CA ALA A 7 1.62 -6.24 5.23
C ALA A 7 1.83 -5.16 4.18
N CYS A 8 2.87 -5.28 3.36
CA CYS A 8 3.11 -4.27 2.35
C CYS A 8 3.56 -4.87 1.03
N MET A 9 3.19 -4.19 -0.05
CA MET A 9 3.57 -4.56 -1.39
C MET A 9 4.68 -3.65 -1.88
N GLN A 10 5.51 -4.17 -2.77
CA GLN A 10 6.65 -3.43 -3.30
C GLN A 10 6.19 -2.29 -4.20
N LYS A 11 7.13 -1.44 -4.58
CA LYS A 11 6.83 -0.29 -5.42
C LYS A 11 6.18 -0.72 -6.73
N GLY A 12 5.03 -0.14 -7.03
CA GLY A 12 4.34 -0.44 -8.27
C GLY A 12 3.46 -1.65 -8.18
N LEU A 13 3.30 -2.21 -6.98
CA LEU A 13 2.45 -3.35 -6.78
C LEU A 13 1.10 -2.92 -6.23
N PRO A 14 0.03 -3.68 -6.52
CA PRO A 14 -1.33 -3.35 -6.09
C PRO A 14 -1.46 -3.39 -4.57
N CYS A 15 -1.86 -2.27 -3.99
CA CYS A 15 -2.04 -2.18 -2.55
C CYS A 15 -3.42 -1.63 -2.25
N MET A 16 -4.11 -2.22 -1.28
CA MET A 16 -5.53 -1.90 -1.07
C MET A 16 -5.76 -1.12 0.22
N GLU A 17 -4.77 -1.14 1.10
CA GLU A 17 -4.85 -0.38 2.34
C GLU A 17 -3.60 0.48 2.49
N HIS A 18 -3.71 1.59 3.20
CA HIS A 18 -2.65 2.61 3.23
C HIS A 18 -1.27 2.01 3.53
N VAL A 19 -1.23 1.05 4.44
CA VAL A 19 0.03 0.45 4.88
C VAL A 19 0.47 -0.69 3.97
N ASP A 20 -0.38 -1.04 3.01
CA ASP A 20 -0.11 -2.17 2.12
C ASP A 20 0.92 -1.75 1.06
N CYS A 21 1.33 -0.51 1.14
CA CYS A 21 2.47 -0.02 0.37
C CYS A 21 3.68 0.03 1.28
N CYS A 22 4.77 -0.62 0.88
CA CYS A 22 6.00 -0.65 1.70
C CYS A 22 6.58 0.75 1.87
N HIS A 23 6.06 1.71 1.12
CA HIS A 23 6.50 3.08 1.27
C HIS A 23 5.40 3.94 1.90
N GLY A 24 4.39 3.27 2.44
CA GLY A 24 3.43 3.93 3.30
C GLY A 24 2.34 4.71 2.58
N VAL A 25 2.38 4.77 1.25
CA VAL A 25 1.40 5.57 0.52
C VAL A 25 0.68 4.75 -0.53
N CYS A 26 -0.62 4.55 -0.33
CA CYS A 26 -1.45 3.90 -1.32
C CYS A 26 -2.34 4.91 -2.03
N ASP A 27 -2.11 5.09 -3.32
CA ASP A 27 -2.90 5.99 -4.12
C ASP A 27 -3.05 5.39 -5.51
N SER A 28 -4.27 5.41 -6.08
CA SER A 28 -4.47 4.78 -7.37
C SER A 28 -4.06 3.31 -7.24
N LEU A 29 -4.84 2.57 -6.45
CA LEU A 29 -4.33 1.56 -5.52
C LEU A 29 -3.18 0.73 -6.10
N PHE A 30 -2.01 1.30 -5.88
CA PHE A 30 -0.72 0.68 -6.07
C PHE A 30 0.21 1.36 -5.07
N CYS A 31 1.28 0.68 -4.66
CA CYS A 31 2.27 1.31 -3.80
C CYS A 31 2.86 2.50 -4.56
N LEU A 32 2.43 3.71 -4.16
CA LEU A 32 2.60 4.92 -4.96
C LEU A 32 4.07 5.31 -5.08
N TYR A 33 4.78 5.32 -3.97
CA TYR A 33 6.16 5.74 -3.96
C TYR A 33 7.08 4.56 -4.18
N GLY A 1 -12.28 2.05 6.05
CA GLY A 1 -11.28 1.07 5.56
C GLY A 1 -9.89 1.65 5.54
N LEU A 2 -8.92 0.85 5.08
CA LEU A 2 -7.51 1.24 5.03
C LEU A 2 -6.91 1.31 6.44
N ILE A 3 -5.59 1.06 6.53
CA ILE A 3 -4.88 1.10 7.81
C ILE A 3 -5.36 -0.03 8.74
N GLU A 4 -4.91 -1.25 8.47
CA GLU A 4 -5.23 -2.39 9.32
C GLU A 4 -4.02 -3.29 9.48
N SER A 5 -3.55 -3.84 8.37
CA SER A 5 -2.44 -4.76 8.39
C SER A 5 -1.24 -4.16 7.67
N ILE A 6 -0.13 -3.96 8.39
CA ILE A 6 1.02 -3.27 7.84
C ILE A 6 1.91 -4.23 7.06
N ALA A 7 1.52 -4.44 5.81
CA ALA A 7 2.26 -5.30 4.89
C ALA A 7 3.23 -4.47 4.05
N CYS A 8 4.21 -5.13 3.44
CA CYS A 8 5.15 -4.41 2.59
C CYS A 8 5.15 -4.95 1.17
N MET A 9 5.16 -4.03 0.22
CA MET A 9 5.21 -4.35 -1.19
C MET A 9 6.07 -3.30 -1.90
N GLN A 10 6.48 -3.61 -3.12
CA GLN A 10 7.35 -2.72 -3.86
C GLN A 10 6.56 -1.89 -4.87
N LYS A 11 7.24 -0.94 -5.49
CA LYS A 11 6.63 -0.02 -6.44
C LYS A 11 5.99 -0.78 -7.60
N GLY A 12 4.76 -0.43 -7.92
CA GLY A 12 4.10 -1.02 -9.07
C GLY A 12 3.20 -2.18 -8.70
N LEU A 13 3.19 -2.55 -7.43
CA LEU A 13 2.33 -3.61 -6.96
C LEU A 13 1.02 -3.02 -6.47
N PRO A 14 -0.09 -3.77 -6.57
CA PRO A 14 -1.41 -3.29 -6.19
C PRO A 14 -1.60 -3.34 -4.68
N CYS A 15 -1.83 -2.18 -4.07
CA CYS A 15 -2.01 -2.11 -2.63
C CYS A 15 -3.45 -1.77 -2.34
N MET A 16 -4.03 -2.39 -1.31
CA MET A 16 -5.46 -2.24 -1.07
C MET A 16 -5.74 -1.41 0.18
N GLU A 17 -4.73 -1.21 1.00
CA GLU A 17 -4.89 -0.42 2.20
C GLU A 17 -3.66 0.46 2.42
N HIS A 18 -3.86 1.61 3.05
CA HIS A 18 -2.80 2.61 3.23
C HIS A 18 -1.47 1.98 3.69
N VAL A 19 -1.57 1.08 4.65
CA VAL A 19 -0.40 0.46 5.27
C VAL A 19 0.08 -0.79 4.51
N ASP A 20 -0.61 -1.13 3.43
CA ASP A 20 -0.27 -2.32 2.62
C ASP A 20 1.10 -2.12 1.97
N CYS A 21 1.49 -0.86 1.86
CA CYS A 21 2.82 -0.48 1.44
C CYS A 21 3.66 -0.12 2.66
N CYS A 22 4.89 -0.62 2.70
CA CYS A 22 5.82 -0.35 3.79
C CYS A 22 6.16 1.14 3.84
N HIS A 23 6.08 1.78 2.68
CA HIS A 23 6.33 3.21 2.58
C HIS A 23 5.07 4.01 2.94
N GLY A 24 3.98 3.30 3.20
CA GLY A 24 2.79 3.89 3.80
C GLY A 24 2.01 4.83 2.89
N VAL A 25 2.16 4.72 1.58
CA VAL A 25 1.38 5.57 0.68
C VAL A 25 0.64 4.76 -0.39
N CYS A 26 -0.67 4.70 -0.27
CA CYS A 26 -1.51 4.08 -1.30
C CYS A 26 -2.31 5.12 -2.07
N ASP A 27 -2.14 5.14 -3.38
CA ASP A 27 -2.86 6.08 -4.23
C ASP A 27 -3.09 5.43 -5.59
N SER A 28 -4.35 5.45 -6.08
CA SER A 28 -4.65 4.86 -7.38
C SER A 28 -4.24 3.39 -7.35
N LEU A 29 -4.96 2.61 -6.54
CA LEU A 29 -4.39 1.52 -5.75
C LEU A 29 -3.32 0.72 -6.49
N PHE A 30 -2.12 1.27 -6.35
CA PHE A 30 -0.86 0.64 -6.63
C PHE A 30 0.13 1.32 -5.69
N CYS A 31 1.16 0.62 -5.28
CA CYS A 31 2.11 1.19 -4.34
C CYS A 31 2.71 2.48 -4.91
N LEU A 32 2.31 3.61 -4.33
CA LEU A 32 2.64 4.92 -4.85
C LEU A 32 4.14 5.18 -4.77
N TYR A 33 4.75 4.75 -3.68
CA TYR A 33 6.19 4.85 -3.52
C TYR A 33 6.80 3.46 -3.50
N GLY A 1 -10.09 -2.46 3.08
CA GLY A 1 -9.95 -1.50 4.20
C GLY A 1 -8.59 -0.85 4.23
N LEU A 2 -8.44 0.21 5.00
CA LEU A 2 -7.17 0.91 5.10
C LEU A 2 -6.74 1.00 6.56
N ILE A 3 -5.45 0.76 6.80
CA ILE A 3 -4.85 0.85 8.13
C ILE A 3 -5.29 -0.34 8.99
N GLU A 4 -4.87 -1.53 8.58
CA GLU A 4 -5.09 -2.74 9.37
C GLU A 4 -3.86 -3.63 9.33
N SER A 5 -3.62 -4.26 8.19
CA SER A 5 -2.52 -5.21 8.03
C SER A 5 -1.26 -4.50 7.55
N ILE A 6 -0.19 -4.60 8.31
CA ILE A 6 1.01 -3.82 8.05
C ILE A 6 2.10 -4.66 7.38
N ALA A 7 1.75 -5.26 6.25
CA ALA A 7 2.73 -5.97 5.44
C ALA A 7 3.23 -5.04 4.34
N CYS A 8 4.53 -5.02 4.08
CA CYS A 8 5.08 -4.10 3.08
C CYS A 8 5.24 -4.77 1.72
N MET A 9 4.85 -4.05 0.69
CA MET A 9 5.03 -4.48 -0.69
C MET A 9 6.01 -3.55 -1.40
N GLN A 10 6.52 -4.02 -2.54
CA GLN A 10 7.41 -3.22 -3.37
C GLN A 10 6.62 -2.29 -4.28
N LYS A 11 7.32 -1.33 -4.86
CA LYS A 11 6.72 -0.35 -5.74
C LYS A 11 6.13 -1.01 -6.98
N GLY A 12 4.93 -0.57 -7.37
CA GLY A 12 4.32 -1.07 -8.59
C GLY A 12 3.22 -2.07 -8.35
N LEU A 13 3.24 -2.70 -7.19
CA LEU A 13 2.26 -3.74 -6.87
C LEU A 13 0.93 -3.11 -6.48
N PRO A 14 -0.19 -3.80 -6.71
CA PRO A 14 -1.52 -3.30 -6.34
C PRO A 14 -1.71 -3.27 -4.84
N CYS A 15 -1.98 -2.08 -4.31
CA CYS A 15 -2.20 -1.92 -2.89
C CYS A 15 -3.64 -1.53 -2.65
N MET A 16 -4.28 -2.16 -1.68
CA MET A 16 -5.63 -1.80 -1.30
C MET A 16 -5.66 -1.54 0.20
N GLU A 17 -4.46 -1.38 0.72
CA GLU A 17 -4.22 -1.12 2.12
C GLU A 17 -3.19 0.01 2.22
N HIS A 18 -3.42 0.94 3.13
CA HIS A 18 -2.62 2.16 3.24
C HIS A 18 -1.22 1.84 3.71
N VAL A 19 -1.12 0.94 4.67
CA VAL A 19 0.16 0.53 5.23
C VAL A 19 0.78 -0.61 4.44
N ASP A 20 0.09 -1.01 3.36
CA ASP A 20 0.53 -2.12 2.51
C ASP A 20 1.88 -1.78 1.88
N CYS A 21 2.12 -0.49 1.74
CA CYS A 21 3.41 0.00 1.31
C CYS A 21 4.20 0.45 2.55
N CYS A 22 5.47 0.08 2.62
CA CYS A 22 6.32 0.46 3.76
C CYS A 22 6.47 1.98 3.85
N HIS A 23 6.24 2.66 2.74
CA HIS A 23 6.29 4.12 2.71
C HIS A 23 4.96 4.72 3.16
N GLY A 24 3.96 3.86 3.34
CA GLY A 24 2.69 4.29 3.88
C GLY A 24 1.82 5.08 2.92
N VAL A 25 2.01 4.91 1.62
CA VAL A 25 1.18 5.61 0.65
C VAL A 25 0.53 4.65 -0.34
N CYS A 26 -0.78 4.47 -0.21
CA CYS A 26 -1.56 3.74 -1.20
C CYS A 26 -2.42 4.73 -1.98
N ASP A 27 -2.16 4.92 -3.26
CA ASP A 27 -2.88 5.92 -4.05
C ASP A 27 -3.04 5.46 -5.48
N SER A 28 -4.25 5.61 -6.05
CA SER A 28 -4.51 5.11 -7.40
C SER A 28 -4.17 3.64 -7.41
N LEU A 29 -4.98 2.87 -6.68
CA LEU A 29 -4.49 1.73 -5.88
C LEU A 29 -3.45 0.88 -6.59
N PHE A 30 -2.23 1.36 -6.43
CA PHE A 30 -1.00 0.67 -6.72
C PHE A 30 0.03 1.30 -5.79
N CYS A 31 1.00 0.53 -5.34
CA CYS A 31 1.98 1.05 -4.41
C CYS A 31 2.71 2.25 -5.02
N LEU A 32 2.46 3.43 -4.47
CA LEU A 32 2.98 4.66 -5.01
C LEU A 32 4.47 4.78 -4.74
N TYR A 33 4.87 4.46 -3.52
CA TYR A 33 6.27 4.51 -3.13
C TYR A 33 6.71 3.16 -2.58
N GLY A 1 -12.03 1.59 3.42
CA GLY A 1 -11.33 0.75 4.42
C GLY A 1 -9.97 1.30 4.79
N LEU A 2 -8.91 0.60 4.35
CA LEU A 2 -7.52 0.99 4.63
C LEU A 2 -7.18 0.81 6.12
N ILE A 3 -5.90 0.60 6.42
CA ILE A 3 -5.44 0.40 7.81
C ILE A 3 -6.12 -0.82 8.44
N GLU A 4 -5.60 -2.01 8.16
CA GLU A 4 -6.16 -3.23 8.71
C GLU A 4 -5.05 -4.16 9.19
N SER A 5 -4.02 -4.29 8.38
CA SER A 5 -2.92 -5.20 8.67
C SER A 5 -1.59 -4.51 8.37
N ILE A 6 -0.49 -5.24 8.51
CA ILE A 6 0.83 -4.66 8.25
C ILE A 6 1.58 -5.52 7.22
N ALA A 7 1.06 -5.54 6.01
CA ALA A 7 1.68 -6.24 4.90
C ALA A 7 2.57 -5.28 4.13
N CYS A 8 3.50 -5.81 3.34
CA CYS A 8 4.38 -4.94 2.55
C CYS A 8 4.58 -5.48 1.14
N MET A 9 4.85 -4.56 0.22
CA MET A 9 5.02 -4.88 -1.20
C MET A 9 6.10 -3.98 -1.80
N GLN A 10 6.52 -4.31 -3.01
CA GLN A 10 7.46 -3.48 -3.75
C GLN A 10 6.70 -2.46 -4.59
N LYS A 11 7.45 -1.50 -5.16
CA LYS A 11 6.86 -0.44 -5.95
C LYS A 11 6.24 -0.99 -7.23
N GLY A 12 5.00 -0.60 -7.49
CA GLY A 12 4.34 -1.01 -8.71
C GLY A 12 3.33 -2.13 -8.48
N LEU A 13 3.19 -2.56 -7.24
CA LEU A 13 2.23 -3.59 -6.90
C LEU A 13 0.93 -2.95 -6.40
N PRO A 14 -0.21 -3.63 -6.58
CA PRO A 14 -1.51 -3.11 -6.18
C PRO A 14 -1.74 -3.21 -4.68
N CYS A 15 -1.92 -2.06 -4.04
CA CYS A 15 -2.09 -2.02 -2.60
C CYS A 15 -3.44 -1.42 -2.25
N MET A 16 -4.15 -2.02 -1.31
CA MET A 16 -5.52 -1.62 -1.05
C MET A 16 -5.65 -0.83 0.24
N GLU A 17 -4.82 -1.15 1.22
CA GLU A 17 -4.83 -0.39 2.47
C GLU A 17 -3.59 0.48 2.56
N HIS A 18 -3.75 1.65 3.19
CA HIS A 18 -2.72 2.70 3.22
C HIS A 18 -1.32 2.15 3.52
N VAL A 19 -1.25 1.30 4.53
CA VAL A 19 0.03 0.81 5.03
C VAL A 19 0.52 -0.45 4.32
N ASP A 20 -0.23 -0.92 3.34
CA ASP A 20 0.08 -2.19 2.66
C ASP A 20 1.44 -2.13 1.97
N CYS A 21 1.88 -0.92 1.62
CA CYS A 21 3.22 -0.73 1.12
C CYS A 21 4.11 -0.19 2.23
N CYS A 22 5.34 -0.70 2.31
CA CYS A 22 6.34 -0.25 3.28
C CYS A 22 6.53 1.27 3.25
N HIS A 23 6.20 1.92 2.14
CA HIS A 23 6.33 3.38 2.04
C HIS A 23 5.11 4.07 2.63
N GLY A 24 4.05 3.31 2.85
CA GLY A 24 2.90 3.81 3.58
C GLY A 24 1.95 4.66 2.75
N VAL A 25 2.15 4.73 1.44
CA VAL A 25 1.30 5.57 0.62
C VAL A 25 0.60 4.78 -0.49
N CYS A 26 -0.70 4.62 -0.35
CA CYS A 26 -1.51 3.97 -1.37
C CYS A 26 -2.39 4.97 -2.11
N ASP A 27 -2.17 5.10 -3.40
CA ASP A 27 -2.96 6.00 -4.25
C ASP A 27 -3.14 5.36 -5.61
N SER A 28 -4.37 5.37 -6.15
CA SER A 28 -4.61 4.75 -7.45
C SER A 28 -4.17 3.31 -7.35
N LEU A 29 -4.91 2.52 -6.56
CA LEU A 29 -4.34 1.50 -5.68
C LEU A 29 -3.20 0.71 -6.32
N PHE A 30 -2.03 1.29 -6.12
CA PHE A 30 -0.72 0.71 -6.33
C PHE A 30 0.19 1.41 -5.36
N CYS A 31 1.28 0.80 -4.94
CA CYS A 31 2.22 1.48 -4.06
C CYS A 31 2.74 2.73 -4.77
N LEU A 32 2.38 3.89 -4.23
CA LEU A 32 2.64 5.17 -4.88
C LEU A 32 4.14 5.50 -4.85
N TYR A 33 4.79 5.18 -3.74
CA TYR A 33 6.21 5.46 -3.59
C TYR A 33 7.03 4.19 -3.64
N GLY A 1 -12.25 0.94 4.31
CA GLY A 1 -11.11 0.17 4.87
C GLY A 1 -9.89 1.04 5.05
N LEU A 2 -8.74 0.56 4.55
CA LEU A 2 -7.45 1.24 4.66
C LEU A 2 -6.95 1.18 6.11
N ILE A 3 -5.70 0.74 6.29
CA ILE A 3 -5.10 0.58 7.63
C ILE A 3 -5.78 -0.56 8.41
N GLU A 4 -5.23 -1.75 8.26
CA GLU A 4 -5.72 -2.93 8.97
C GLU A 4 -4.55 -3.81 9.39
N SER A 5 -3.62 -4.01 8.46
CA SER A 5 -2.45 -4.85 8.70
C SER A 5 -1.27 -4.34 7.89
N ILE A 6 -0.09 -4.32 8.49
CA ILE A 6 1.07 -3.70 7.87
C ILE A 6 1.82 -4.69 6.99
N ALA A 7 1.33 -4.85 5.78
CA ALA A 7 1.98 -5.65 4.76
C ALA A 7 2.90 -4.77 3.92
N CYS A 8 3.87 -5.36 3.23
CA CYS A 8 4.76 -4.56 2.40
C CYS A 8 4.78 -5.06 0.96
N MET A 9 4.26 -4.22 0.08
CA MET A 9 4.30 -4.46 -1.35
C MET A 9 5.26 -3.48 -2.00
N GLN A 10 5.96 -3.93 -3.03
CA GLN A 10 6.96 -3.12 -3.71
C GLN A 10 6.28 -2.06 -4.56
N LYS A 11 7.05 -1.05 -4.97
CA LYS A 11 6.53 0.07 -5.74
C LYS A 11 5.94 -0.39 -7.06
N GLY A 12 4.71 0.03 -7.33
CA GLY A 12 4.05 -0.34 -8.57
C GLY A 12 3.18 -1.58 -8.42
N LEU A 13 3.17 -2.16 -7.23
CA LEU A 13 2.36 -3.34 -6.97
C LEU A 13 1.02 -2.94 -6.39
N PRO A 14 0.00 -3.80 -6.57
CA PRO A 14 -1.37 -3.52 -6.10
C PRO A 14 -1.45 -3.49 -4.59
N CYS A 15 -1.89 -2.37 -4.04
CA CYS A 15 -2.09 -2.24 -2.61
C CYS A 15 -3.56 -1.96 -2.33
N MET A 16 -4.06 -2.42 -1.20
CA MET A 16 -5.49 -2.29 -0.93
C MET A 16 -5.75 -1.54 0.38
N GLU A 17 -4.69 -1.19 1.09
CA GLU A 17 -4.83 -0.40 2.29
C GLU A 17 -3.58 0.47 2.48
N HIS A 18 -3.76 1.60 3.16
CA HIS A 18 -2.71 2.61 3.29
C HIS A 18 -1.34 2.03 3.65
N VAL A 19 -1.32 1.14 4.64
CA VAL A 19 -0.06 0.59 5.14
C VAL A 19 0.38 -0.65 4.37
N ASP A 20 -0.41 -1.07 3.39
CA ASP A 20 -0.10 -2.26 2.58
C ASP A 20 1.19 -2.05 1.78
N CYS A 21 1.56 -0.79 1.63
CA CYS A 21 2.82 -0.42 1.02
C CYS A 21 3.84 -0.12 2.10
N CYS A 22 5.06 -0.63 1.89
CA CYS A 22 6.14 -0.51 2.86
C CYS A 22 6.41 0.94 3.24
N HIS A 23 6.14 1.86 2.31
CA HIS A 23 6.35 3.28 2.57
C HIS A 23 5.03 3.98 2.92
N GLY A 24 3.98 3.19 3.06
CA GLY A 24 2.71 3.67 3.59
C GLY A 24 1.98 4.68 2.73
N VAL A 25 2.12 4.60 1.41
CA VAL A 25 1.34 5.49 0.53
C VAL A 25 0.58 4.70 -0.53
N CYS A 26 -0.73 4.65 -0.40
CA CYS A 26 -1.59 4.05 -1.41
C CYS A 26 -2.36 5.11 -2.19
N ASP A 27 -2.07 5.22 -3.48
CA ASP A 27 -2.75 6.20 -4.33
C ASP A 27 -3.03 5.57 -5.69
N SER A 28 -4.30 5.51 -6.11
CA SER A 28 -4.64 4.83 -7.36
C SER A 28 -4.21 3.38 -7.23
N LEU A 29 -4.93 2.63 -6.39
CA LEU A 29 -4.36 1.59 -5.53
C LEU A 29 -3.28 0.77 -6.21
N PHE A 30 -2.09 1.31 -6.09
CA PHE A 30 -0.82 0.67 -6.35
C PHE A 30 0.17 1.37 -5.44
N CYS A 31 1.21 0.69 -5.01
CA CYS A 31 2.20 1.30 -4.14
C CYS A 31 2.88 2.48 -4.84
N LEU A 32 2.49 3.68 -4.41
CA LEU A 32 2.96 4.92 -5.00
C LEU A 32 4.45 5.09 -4.71
N TYR A 33 4.83 4.86 -3.47
CA TYR A 33 6.23 4.90 -3.07
C TYR A 33 6.69 3.52 -2.66
N GLY A 1 -12.02 0.78 4.98
CA GLY A 1 -11.05 1.66 5.69
C GLY A 1 -9.63 1.22 5.46
N LEU A 2 -8.68 2.05 5.86
CA LEU A 2 -7.27 1.73 5.66
C LEU A 2 -6.60 1.46 7.01
N ILE A 3 -5.33 1.07 6.95
CA ILE A 3 -4.52 0.86 8.17
C ILE A 3 -5.17 -0.12 9.15
N GLU A 4 -4.99 -1.41 8.92
CA GLU A 4 -5.48 -2.42 9.83
C GLU A 4 -4.42 -3.45 10.13
N SER A 5 -4.10 -4.28 9.13
CA SER A 5 -3.15 -5.37 9.30
C SER A 5 -2.93 -6.10 7.98
N ILE A 6 -1.69 -6.10 7.48
CA ILE A 6 -1.37 -6.78 6.23
C ILE A 6 0.12 -6.62 5.90
N ALA A 7 0.64 -7.52 5.08
CA ALA A 7 2.03 -7.47 4.66
C ALA A 7 2.19 -6.45 3.53
N CYS A 8 3.33 -5.77 3.50
CA CYS A 8 3.52 -4.68 2.56
C CYS A 8 3.92 -5.19 1.17
N MET A 9 3.37 -4.54 0.16
CA MET A 9 3.69 -4.84 -1.22
C MET A 9 4.87 -3.99 -1.68
N GLN A 10 5.58 -4.48 -2.69
CA GLN A 10 6.76 -3.81 -3.22
C GLN A 10 6.39 -2.61 -4.08
N LYS A 11 7.40 -1.88 -4.52
CA LYS A 11 7.20 -0.73 -5.39
C LYS A 11 6.56 -1.15 -6.71
N GLY A 12 5.52 -0.45 -7.11
CA GLY A 12 4.84 -0.76 -8.36
C GLY A 12 3.85 -1.89 -8.22
N LEU A 13 3.57 -2.31 -6.99
CA LEU A 13 2.62 -3.38 -6.76
C LEU A 13 1.31 -2.83 -6.21
N PRO A 14 0.21 -3.57 -6.40
CA PRO A 14 -1.13 -3.17 -5.96
C PRO A 14 -1.25 -3.15 -4.44
N CYS A 15 -1.76 -2.06 -3.89
CA CYS A 15 -1.98 -1.97 -2.47
C CYS A 15 -3.33 -1.29 -2.22
N MET A 16 -4.18 -1.92 -1.42
CA MET A 16 -5.53 -1.41 -1.21
C MET A 16 -5.67 -0.80 0.17
N GLU A 17 -4.94 -1.33 1.11
CA GLU A 17 -4.90 -0.79 2.46
C GLU A 17 -3.67 0.10 2.60
N HIS A 18 -3.77 1.21 3.34
CA HIS A 18 -2.68 2.19 3.41
C HIS A 18 -1.34 1.54 3.73
N VAL A 19 -1.33 0.63 4.69
CA VAL A 19 -0.11 -0.02 5.15
C VAL A 19 0.24 -1.22 4.26
N ASP A 20 -0.59 -1.49 3.27
CA ASP A 20 -0.36 -2.58 2.33
C ASP A 20 0.78 -2.20 1.39
N CYS A 21 1.12 -0.92 1.41
CA CYS A 21 2.27 -0.45 0.66
C CYS A 21 3.47 -0.32 1.58
N CYS A 22 4.59 -0.88 1.16
CA CYS A 22 5.81 -0.77 1.95
C CYS A 22 6.41 0.62 1.83
N HIS A 23 5.88 1.42 0.92
CA HIS A 23 6.29 2.81 0.80
C HIS A 23 5.31 3.72 1.52
N GLY A 24 4.31 3.11 2.15
CA GLY A 24 3.43 3.83 3.05
C GLY A 24 2.35 4.65 2.38
N VAL A 25 2.33 4.69 1.05
CA VAL A 25 1.37 5.53 0.35
C VAL A 25 0.57 4.72 -0.68
N CYS A 26 -0.71 4.53 -0.39
CA CYS A 26 -1.61 3.86 -1.33
C CYS A 26 -2.54 4.86 -2.01
N ASP A 27 -2.29 5.11 -3.29
CA ASP A 27 -3.11 6.01 -4.08
C ASP A 27 -3.19 5.47 -5.48
N SER A 28 -4.37 5.51 -6.12
CA SER A 28 -4.57 4.84 -7.41
C SER A 28 -4.07 3.41 -7.26
N LEU A 29 -4.82 2.64 -6.45
CA LEU A 29 -4.27 1.67 -5.51
C LEU A 29 -3.13 0.83 -6.08
N PHE A 30 -1.95 1.41 -5.91
CA PHE A 30 -0.66 0.79 -6.09
C PHE A 30 0.28 1.54 -5.17
N CYS A 31 1.45 1.00 -4.89
CA CYS A 31 2.47 1.79 -4.21
C CYS A 31 2.81 3.01 -5.06
N LEU A 32 2.34 4.17 -4.61
CA LEU A 32 2.54 5.43 -5.31
C LEU A 32 4.03 5.75 -5.43
N TYR A 33 4.73 5.56 -4.34
CA TYR A 33 6.17 5.77 -4.31
C TYR A 33 6.90 4.45 -4.43
N GLY A 1 -10.87 -0.54 5.75
CA GLY A 1 -10.41 0.67 5.03
C GLY A 1 -8.90 0.75 4.93
N LEU A 2 -8.33 1.85 5.38
CA LEU A 2 -6.89 2.00 5.42
C LEU A 2 -6.36 1.79 6.83
N ILE A 3 -5.15 1.26 6.95
CA ILE A 3 -4.55 0.94 8.25
C ILE A 3 -5.32 -0.21 8.92
N GLU A 4 -5.17 -1.40 8.35
CA GLU A 4 -5.87 -2.57 8.86
C GLU A 4 -4.89 -3.57 9.43
N SER A 5 -4.27 -4.35 8.55
CA SER A 5 -3.36 -5.42 8.97
C SER A 5 -2.79 -6.15 7.76
N ILE A 6 -2.61 -5.43 6.67
CA ILE A 6 -2.14 -6.01 5.42
C ILE A 6 -0.60 -5.89 5.31
N ALA A 7 0.02 -6.92 4.72
CA ALA A 7 1.47 -6.97 4.55
C ALA A 7 1.93 -6.07 3.40
N CYS A 8 3.21 -5.71 3.41
CA CYS A 8 3.76 -4.77 2.44
C CYS A 8 3.99 -5.41 1.06
N MET A 9 3.66 -4.64 0.03
CA MET A 9 3.88 -5.03 -1.36
C MET A 9 5.12 -4.36 -1.91
N GLN A 10 5.64 -4.87 -3.03
CA GLN A 10 6.81 -4.30 -3.67
C GLN A 10 6.46 -3.01 -4.40
N LYS A 11 7.48 -2.31 -4.88
CA LYS A 11 7.30 -1.05 -5.59
C LYS A 11 6.50 -1.26 -6.87
N GLY A 12 5.45 -0.47 -7.03
CA GLY A 12 4.62 -0.54 -8.21
C GLY A 12 3.57 -1.64 -8.16
N LEU A 13 3.40 -2.26 -7.00
CA LEU A 13 2.45 -3.35 -6.86
C LEU A 13 1.12 -2.83 -6.32
N PRO A 14 0.03 -3.58 -6.55
CA PRO A 14 -1.31 -3.20 -6.09
C PRO A 14 -1.41 -3.12 -4.57
N CYS A 15 -1.89 -2.00 -4.08
CA CYS A 15 -2.09 -1.80 -2.65
C CYS A 15 -3.56 -1.53 -2.39
N MET A 16 -4.07 -1.93 -1.24
CA MET A 16 -5.48 -1.65 -0.93
C MET A 16 -5.61 -0.78 0.31
N GLU A 17 -4.70 -0.93 1.25
CA GLU A 17 -4.72 -0.10 2.44
C GLU A 17 -3.47 0.77 2.53
N HIS A 18 -3.39 1.59 3.58
CA HIS A 18 -2.31 2.57 3.71
C HIS A 18 -0.96 1.87 3.96
N VAL A 19 -0.94 0.94 4.90
CA VAL A 19 0.32 0.29 5.29
C VAL A 19 0.65 -0.87 4.35
N ASP A 20 -0.19 -1.06 3.36
CA ASP A 20 -0.04 -2.13 2.36
C ASP A 20 1.29 -1.96 1.63
N CYS A 21 1.70 -0.72 1.48
CA CYS A 21 3.01 -0.39 0.94
C CYS A 21 3.97 -0.03 2.07
N CYS A 22 5.20 -0.54 2.00
CA CYS A 22 6.23 -0.22 2.99
C CYS A 22 6.41 1.28 3.20
N HIS A 23 6.26 2.07 2.13
CA HIS A 23 6.40 3.52 2.24
C HIS A 23 5.09 4.18 2.66
N GLY A 24 4.08 3.36 2.91
CA GLY A 24 2.87 3.82 3.56
C GLY A 24 1.88 4.55 2.66
N VAL A 25 2.20 4.75 1.40
CA VAL A 25 1.33 5.54 0.55
C VAL A 25 0.61 4.71 -0.51
N CYS A 26 -0.70 4.56 -0.32
CA CYS A 26 -1.55 3.86 -1.28
C CYS A 26 -2.39 4.88 -2.06
N ASP A 27 -2.21 4.94 -3.37
CA ASP A 27 -2.99 5.86 -4.21
C ASP A 27 -3.20 5.24 -5.58
N SER A 28 -4.43 5.30 -6.12
CA SER A 28 -4.70 4.74 -7.44
C SER A 28 -4.26 3.29 -7.42
N LEU A 29 -4.99 2.49 -6.65
CA LEU A 29 -4.40 1.48 -5.79
C LEU A 29 -3.25 0.70 -6.43
N PHE A 30 -2.09 1.34 -6.25
CA PHE A 30 -0.77 0.78 -6.48
C PHE A 30 0.15 1.55 -5.55
N CYS A 31 1.23 0.93 -5.10
CA CYS A 31 2.20 1.64 -4.27
C CYS A 31 2.67 2.93 -4.94
N LEU A 32 2.28 4.06 -4.35
CA LEU A 32 2.55 5.37 -4.93
C LEU A 32 4.05 5.67 -4.87
N TYR A 33 4.66 5.38 -3.73
CA TYR A 33 6.11 5.51 -3.58
C TYR A 33 6.75 4.14 -3.62
N GLY A 1 -8.99 -2.75 4.74
CA GLY A 1 -9.14 -1.35 5.21
C GLY A 1 -7.93 -0.52 4.84
N LEU A 2 -7.90 0.73 5.28
CA LEU A 2 -6.78 1.62 4.99
C LEU A 2 -6.19 2.16 6.29
N ILE A 3 -4.88 1.98 6.45
CA ILE A 3 -4.14 2.44 7.62
C ILE A 3 -4.48 1.58 8.84
N GLU A 4 -4.28 0.28 8.70
CA GLU A 4 -4.44 -0.64 9.80
C GLU A 4 -3.13 -1.36 10.10
N SER A 5 -2.93 -2.52 9.47
CA SER A 5 -1.73 -3.31 9.67
C SER A 5 -1.74 -4.53 8.75
N ILE A 6 -0.57 -4.84 8.15
CA ILE A 6 -0.44 -5.97 7.24
C ILE A 6 0.97 -5.98 6.63
N ALA A 7 1.31 -7.08 5.95
CA ALA A 7 2.59 -7.17 5.25
C ALA A 7 2.61 -6.21 4.06
N CYS A 8 3.80 -5.76 3.64
CA CYS A 8 3.87 -4.73 2.64
C CYS A 8 4.44 -5.24 1.31
N MET A 9 3.94 -4.62 0.24
CA MET A 9 4.30 -4.96 -1.12
C MET A 9 5.38 -4.02 -1.63
N GLN A 10 6.04 -4.42 -2.71
CA GLN A 10 7.11 -3.64 -3.30
C GLN A 10 6.58 -2.48 -4.14
N LYS A 11 7.50 -1.66 -4.63
CA LYS A 11 7.18 -0.50 -5.45
C LYS A 11 6.37 -0.91 -6.69
N GLY A 12 5.26 -0.21 -6.91
CA GLY A 12 4.46 -0.44 -8.09
C GLY A 12 3.51 -1.62 -7.97
N LEU A 13 3.40 -2.19 -6.79
CA LEU A 13 2.54 -3.35 -6.61
C LEU A 13 1.15 -2.91 -6.13
N PRO A 14 0.12 -3.74 -6.42
CA PRO A 14 -1.28 -3.43 -6.05
C PRO A 14 -1.48 -3.37 -4.54
N CYS A 15 -2.12 -2.31 -4.07
CA CYS A 15 -2.37 -2.17 -2.64
C CYS A 15 -3.79 -1.68 -2.40
N MET A 16 -4.41 -2.19 -1.34
CA MET A 16 -5.73 -1.74 -0.94
C MET A 16 -5.70 -1.26 0.50
N GLU A 17 -4.48 -1.13 1.00
CA GLU A 17 -4.22 -0.69 2.36
C GLU A 17 -2.93 0.12 2.37
N HIS A 18 -2.93 1.27 3.02
CA HIS A 18 -1.76 2.16 2.98
C HIS A 18 -0.49 1.43 3.39
N VAL A 19 -0.56 0.70 4.51
CA VAL A 19 0.60 0.00 5.04
C VAL A 19 0.84 -1.30 4.29
N ASP A 20 -0.03 -1.59 3.33
CA ASP A 20 0.15 -2.74 2.45
C ASP A 20 1.32 -2.45 1.53
N CYS A 21 1.65 -1.17 1.42
CA CYS A 21 2.86 -0.72 0.74
C CYS A 21 3.92 -0.38 1.76
N CYS A 22 5.16 -0.79 1.48
CA CYS A 22 6.26 -0.59 2.42
C CYS A 22 6.58 0.89 2.64
N HIS A 23 6.08 1.76 1.77
CA HIS A 23 6.23 3.20 1.95
C HIS A 23 4.98 3.82 2.59
N GLY A 24 3.94 3.01 2.74
CA GLY A 24 2.74 3.47 3.45
C GLY A 24 1.82 4.35 2.63
N VAL A 25 2.09 4.54 1.34
CA VAL A 25 1.28 5.44 0.54
C VAL A 25 0.53 4.71 -0.57
N CYS A 26 -0.79 4.65 -0.43
CA CYS A 26 -1.64 4.09 -1.47
C CYS A 26 -2.42 5.20 -2.18
N ASP A 27 -2.26 5.26 -3.50
CA ASP A 27 -2.99 6.19 -4.34
C ASP A 27 -3.19 5.56 -5.71
N SER A 28 -4.42 5.59 -6.24
CA SER A 28 -4.68 4.93 -7.52
C SER A 28 -4.29 3.46 -7.37
N LEU A 29 -5.07 2.74 -6.56
CA LEU A 29 -4.54 1.72 -5.66
C LEU A 29 -3.43 0.87 -6.27
N PHE A 30 -2.24 1.42 -6.08
CA PHE A 30 -0.96 0.79 -6.27
C PHE A 30 -0.01 1.48 -5.32
N CYS A 31 1.10 0.84 -4.97
CA CYS A 31 2.11 1.50 -4.17
C CYS A 31 2.64 2.73 -4.89
N LEU A 32 2.21 3.90 -4.42
CA LEU A 32 2.54 5.18 -5.04
C LEU A 32 4.05 5.41 -4.98
N TYR A 33 4.62 5.17 -3.82
CA TYR A 33 6.06 5.27 -3.65
C TYR A 33 6.69 3.90 -3.61
N GLY A 1 -10.73 -1.89 3.51
CA GLY A 1 -10.47 -0.54 2.96
C GLY A 1 -9.04 -0.11 3.22
N LEU A 2 -8.78 1.19 3.16
CA LEU A 2 -7.46 1.70 3.46
C LEU A 2 -7.29 1.76 4.98
N ILE A 3 -6.05 1.58 5.45
CA ILE A 3 -5.78 1.43 6.88
C ILE A 3 -6.43 0.14 7.37
N GLU A 4 -5.93 -0.99 6.87
CA GLU A 4 -6.52 -2.28 7.16
C GLU A 4 -5.43 -3.32 7.45
N SER A 5 -4.77 -3.76 6.38
CA SER A 5 -3.72 -4.76 6.50
C SER A 5 -2.40 -4.10 6.87
N ILE A 6 -1.51 -4.87 7.50
CA ILE A 6 -0.23 -4.35 7.95
C ILE A 6 0.92 -4.97 7.14
N ALA A 7 0.60 -6.01 6.39
CA ALA A 7 1.59 -6.64 5.52
C ALA A 7 1.81 -5.74 4.31
N CYS A 8 3.05 -5.66 3.82
CA CYS A 8 3.34 -4.69 2.79
C CYS A 8 3.86 -5.32 1.51
N MET A 9 3.40 -4.76 0.41
CA MET A 9 3.84 -5.12 -0.93
C MET A 9 4.95 -4.20 -1.36
N GLN A 10 5.74 -4.64 -2.32
CA GLN A 10 6.90 -3.89 -2.78
C GLN A 10 6.48 -2.69 -3.62
N LYS A 11 7.46 -1.89 -4.01
CA LYS A 11 7.22 -0.71 -4.84
C LYS A 11 6.65 -1.14 -6.18
N GLY A 12 5.62 -0.44 -6.63
CA GLY A 12 5.02 -0.72 -7.92
C GLY A 12 4.04 -1.87 -7.88
N LEU A 13 3.70 -2.32 -6.68
CA LEU A 13 2.77 -3.43 -6.54
C LEU A 13 1.40 -2.92 -6.10
N PRO A 14 0.35 -3.71 -6.35
CA PRO A 14 -1.01 -3.37 -5.95
C PRO A 14 -1.16 -3.32 -4.43
N CYS A 15 -1.62 -2.19 -3.93
CA CYS A 15 -1.84 -2.03 -2.50
C CYS A 15 -3.17 -1.34 -2.29
N MET A 16 -4.00 -1.89 -1.42
CA MET A 16 -5.37 -1.41 -1.29
C MET A 16 -5.54 -0.59 -0.03
N GLU A 17 -4.60 -0.73 0.88
CA GLU A 17 -4.56 0.10 2.07
C GLU A 17 -3.16 0.64 2.27
N HIS A 18 -3.06 1.81 2.91
CA HIS A 18 -1.80 2.54 3.03
C HIS A 18 -0.62 1.66 3.44
N VAL A 19 -0.81 0.83 4.46
CA VAL A 19 0.28 0.05 5.00
C VAL A 19 0.60 -1.17 4.12
N ASP A 20 -0.26 -1.41 3.14
CA ASP A 20 -0.08 -2.54 2.24
C ASP A 20 1.06 -2.27 1.25
N CYS A 21 1.54 -1.03 1.21
CA CYS A 21 2.82 -0.76 0.57
C CYS A 21 3.89 -0.59 1.63
N CYS A 22 5.06 -1.16 1.38
CA CYS A 22 6.20 -1.03 2.31
C CYS A 22 6.66 0.42 2.41
N HIS A 23 6.20 1.28 1.50
CA HIS A 23 6.52 2.70 1.56
C HIS A 23 5.39 3.50 2.19
N GLY A 24 4.26 2.83 2.45
CA GLY A 24 3.20 3.43 3.26
C GLY A 24 2.22 4.30 2.50
N VAL A 25 2.42 4.51 1.21
CA VAL A 25 1.55 5.41 0.48
C VAL A 25 0.79 4.71 -0.63
N CYS A 26 -0.51 4.54 -0.43
CA CYS A 26 -1.37 3.96 -1.44
C CYS A 26 -2.32 5.01 -2.03
N ASP A 27 -2.30 5.13 -3.35
CA ASP A 27 -3.20 6.01 -4.06
C ASP A 27 -3.40 5.47 -5.46
N SER A 28 -4.62 5.58 -6.03
CA SER A 28 -4.93 4.94 -7.31
C SER A 28 -4.46 3.49 -7.25
N LEU A 29 -5.16 2.72 -6.41
CA LEU A 29 -4.56 1.71 -5.55
C LEU A 29 -3.48 0.87 -6.22
N PHE A 30 -2.29 1.43 -6.11
CA PHE A 30 -1.00 0.81 -6.30
C PHE A 30 -0.09 1.60 -5.38
N CYS A 31 1.07 1.09 -5.02
CA CYS A 31 1.95 1.89 -4.19
C CYS A 31 2.36 3.17 -4.93
N LEU A 32 2.00 4.30 -4.34
CA LEU A 32 2.15 5.61 -4.97
C LEU A 32 3.62 5.97 -5.14
N TYR A 33 4.43 5.59 -4.17
CA TYR A 33 5.87 5.83 -4.24
C TYR A 33 6.61 4.55 -4.60
N GLY A 1 -10.09 -2.49 4.12
CA GLY A 1 -8.90 -2.30 3.26
C GLY A 1 -7.91 -1.31 3.84
N LEU A 2 -8.10 -0.04 3.54
CA LEU A 2 -7.20 1.02 4.00
C LEU A 2 -7.25 1.13 5.52
N ILE A 3 -6.07 1.02 6.16
CA ILE A 3 -5.96 1.15 7.62
C ILE A 3 -6.72 0.01 8.31
N GLU A 4 -6.20 -1.20 8.14
CA GLU A 4 -6.85 -2.41 8.63
C GLU A 4 -5.84 -3.43 9.13
N SER A 5 -4.74 -3.57 8.38
CA SER A 5 -3.74 -4.59 8.65
C SER A 5 -2.35 -4.05 8.34
N ILE A 6 -1.32 -4.90 8.39
CA ILE A 6 0.04 -4.46 8.08
C ILE A 6 0.75 -5.45 7.14
N ALA A 7 0.28 -5.51 5.91
CA ALA A 7 0.95 -6.27 4.86
C ALA A 7 1.86 -5.33 4.06
N CYS A 8 2.83 -5.87 3.32
CA CYS A 8 3.70 -5.00 2.53
C CYS A 8 3.92 -5.52 1.10
N MET A 9 3.71 -4.61 0.16
CA MET A 9 3.96 -4.83 -1.25
C MET A 9 5.14 -3.97 -1.68
N GLN A 10 5.72 -4.32 -2.83
CA GLN A 10 6.88 -3.60 -3.34
C GLN A 10 6.47 -2.47 -4.28
N LYS A 11 7.45 -1.71 -4.72
CA LYS A 11 7.23 -0.58 -5.61
C LYS A 11 6.50 -1.01 -6.88
N GLY A 12 5.38 -0.35 -7.16
CA GLY A 12 4.62 -0.63 -8.36
C GLY A 12 3.63 -1.78 -8.22
N LEU A 13 3.44 -2.27 -6.99
CA LEU A 13 2.55 -3.38 -6.77
C LEU A 13 1.17 -2.89 -6.31
N PRO A 14 0.13 -3.70 -6.55
CA PRO A 14 -1.25 -3.36 -6.15
C PRO A 14 -1.43 -3.38 -4.64
N CYS A 15 -1.90 -2.27 -4.09
CA CYS A 15 -2.10 -2.17 -2.66
C CYS A 15 -3.50 -1.66 -2.37
N MET A 16 -4.17 -2.27 -1.40
CA MET A 16 -5.55 -1.90 -1.08
C MET A 16 -5.66 -1.48 0.38
N GLU A 17 -4.52 -1.39 1.03
CA GLU A 17 -4.42 -0.95 2.39
C GLU A 17 -3.36 0.14 2.48
N HIS A 18 -3.63 1.23 3.20
CA HIS A 18 -2.74 2.40 3.19
C HIS A 18 -1.29 2.00 3.48
N VAL A 19 -1.11 1.17 4.49
CA VAL A 19 0.21 0.73 4.92
C VAL A 19 0.67 -0.52 4.17
N ASP A 20 -0.17 -1.00 3.25
CA ASP A 20 0.10 -2.24 2.52
C ASP A 20 1.38 -2.11 1.71
N CYS A 21 1.77 -0.88 1.46
CA CYS A 21 3.10 -0.61 0.96
C CYS A 21 3.99 -0.17 2.11
N CYS A 22 5.15 -0.81 2.25
CA CYS A 22 6.11 -0.44 3.30
C CYS A 22 6.40 1.07 3.32
N HIS A 23 6.26 1.72 2.16
CA HIS A 23 6.49 3.16 2.04
C HIS A 23 5.33 3.95 2.63
N GLY A 24 4.19 3.28 2.83
CA GLY A 24 3.08 3.86 3.56
C GLY A 24 2.16 4.75 2.74
N VAL A 25 2.28 4.73 1.41
CA VAL A 25 1.44 5.58 0.59
C VAL A 25 0.70 4.78 -0.49
N CYS A 26 -0.60 4.63 -0.32
CA CYS A 26 -1.44 4.03 -1.36
C CYS A 26 -2.30 5.07 -2.05
N ASP A 27 -2.17 5.15 -3.37
CA ASP A 27 -2.97 6.06 -4.18
C ASP A 27 -3.18 5.44 -5.55
N SER A 28 -4.40 5.47 -6.08
CA SER A 28 -4.67 4.84 -7.37
C SER A 28 -4.26 3.39 -7.26
N LEU A 29 -5.02 2.64 -6.44
CA LEU A 29 -4.47 1.62 -5.55
C LEU A 29 -3.36 0.77 -6.19
N PHE A 30 -2.18 1.34 -6.04
CA PHE A 30 -0.89 0.73 -6.27
C PHE A 30 0.07 1.45 -5.34
N CYS A 31 1.20 0.86 -5.01
CA CYS A 31 2.21 1.57 -4.24
C CYS A 31 2.63 2.84 -4.97
N LEU A 32 2.17 3.99 -4.45
CA LEU A 32 2.39 5.28 -5.07
C LEU A 32 3.89 5.55 -5.18
N TYR A 33 4.60 5.24 -4.12
CA TYR A 33 6.05 5.34 -4.11
C TYR A 33 6.66 3.97 -4.34
N GLY A 1 -10.94 4.34 7.41
CA GLY A 1 -10.35 4.61 6.07
C GLY A 1 -8.99 3.97 5.92
N LEU A 2 -8.92 2.91 5.10
CA LEU A 2 -7.67 2.18 4.89
C LEU A 2 -7.13 1.64 6.21
N ILE A 3 -5.82 1.38 6.26
CA ILE A 3 -5.15 0.93 7.48
C ILE A 3 -5.75 -0.38 8.00
N GLU A 4 -5.25 -1.51 7.52
CA GLU A 4 -5.79 -2.80 7.94
C GLU A 4 -4.70 -3.88 7.90
N SER A 5 -4.15 -4.11 6.72
CA SER A 5 -3.20 -5.20 6.51
C SER A 5 -1.87 -4.93 7.21
N ILE A 6 -0.99 -5.93 7.19
CA ILE A 6 0.35 -5.80 7.74
C ILE A 6 1.37 -6.34 6.76
N ALA A 7 0.92 -6.52 5.54
CA ALA A 7 1.75 -7.02 4.45
C ALA A 7 2.34 -5.85 3.69
N CYS A 8 3.42 -6.08 2.94
CA CYS A 8 4.06 -4.98 2.24
C CYS A 8 4.28 -5.28 0.77
N MET A 9 3.74 -4.40 -0.05
CA MET A 9 3.98 -4.41 -1.49
C MET A 9 5.11 -3.46 -1.84
N GLN A 10 5.78 -3.74 -2.94
CA GLN A 10 6.83 -2.86 -3.44
C GLN A 10 6.28 -1.96 -4.53
N LYS A 11 7.11 -1.04 -5.02
CA LYS A 11 6.69 -0.06 -6.00
C LYS A 11 6.04 -0.71 -7.22
N GLY A 12 4.86 -0.23 -7.56
CA GLY A 12 4.17 -0.71 -8.75
C GLY A 12 3.27 -1.91 -8.49
N LEU A 13 3.26 -2.38 -7.26
CA LEU A 13 2.44 -3.52 -6.90
C LEU A 13 1.09 -3.05 -6.35
N PRO A 14 0.04 -3.87 -6.49
CA PRO A 14 -1.30 -3.53 -6.03
C PRO A 14 -1.40 -3.47 -4.52
N CYS A 15 -1.78 -2.32 -4.00
CA CYS A 15 -1.94 -2.14 -2.57
C CYS A 15 -3.30 -1.50 -2.34
N MET A 16 -4.00 -1.92 -1.30
CA MET A 16 -5.37 -1.46 -1.10
C MET A 16 -5.44 -0.42 0.00
N GLU A 17 -4.63 -0.59 1.02
CA GLU A 17 -4.61 0.34 2.13
C GLU A 17 -3.20 0.81 2.41
N HIS A 18 -3.07 2.01 2.97
CA HIS A 18 -1.78 2.65 3.19
C HIS A 18 -0.72 1.72 3.77
N VAL A 19 -1.11 0.94 4.76
CA VAL A 19 -0.17 0.09 5.49
C VAL A 19 0.22 -1.16 4.71
N ASP A 20 -0.35 -1.33 3.54
CA ASP A 20 0.00 -2.47 2.69
C ASP A 20 1.32 -2.17 1.97
N CYS A 21 1.68 -0.91 1.96
CA CYS A 21 2.96 -0.46 1.43
C CYS A 21 3.93 -0.17 2.56
N CYS A 22 5.17 -0.65 2.41
CA CYS A 22 6.26 -0.28 3.32
C CYS A 22 6.46 1.24 3.36
N HIS A 23 6.17 1.90 2.24
CA HIS A 23 6.32 3.35 2.15
C HIS A 23 5.06 4.08 2.61
N GLY A 24 4.07 3.32 3.07
CA GLY A 24 2.91 3.89 3.73
C GLY A 24 1.94 4.64 2.82
N VAL A 25 2.24 4.75 1.53
CA VAL A 25 1.38 5.56 0.67
C VAL A 25 0.72 4.72 -0.42
N CYS A 26 -0.58 4.54 -0.30
CA CYS A 26 -1.38 3.92 -1.34
C CYS A 26 -2.26 4.96 -2.03
N ASP A 27 -2.16 5.06 -3.34
CA ASP A 27 -2.96 6.00 -4.11
C ASP A 27 -3.12 5.48 -5.53
N SER A 28 -4.35 5.50 -6.07
CA SER A 28 -4.59 4.93 -7.39
C SER A 28 -4.17 3.47 -7.34
N LEU A 29 -4.93 2.68 -6.57
CA LEU A 29 -4.39 1.60 -5.75
C LEU A 29 -3.33 0.76 -6.45
N PHE A 30 -2.12 1.28 -6.29
CA PHE A 30 -0.85 0.63 -6.51
C PHE A 30 0.11 1.32 -5.57
N CYS A 31 1.17 0.64 -5.15
CA CYS A 31 2.12 1.27 -4.25
C CYS A 31 2.69 2.54 -4.88
N LEU A 32 2.31 3.69 -4.31
CA LEU A 32 2.52 4.99 -4.93
C LEU A 32 4.01 5.33 -4.99
N TYR A 33 4.71 5.14 -3.90
CA TYR A 33 6.13 5.43 -3.84
C TYR A 33 6.93 4.14 -3.97
N GLY A 1 -11.36 -1.39 5.78
CA GLY A 1 -10.81 -0.03 5.63
C GLY A 1 -9.30 -0.02 5.68
N LEU A 2 -8.71 1.16 5.56
CA LEU A 2 -7.26 1.29 5.58
C LEU A 2 -6.77 1.39 7.02
N ILE A 3 -5.50 1.01 7.23
CA ILE A 3 -4.92 0.96 8.58
C ILE A 3 -5.55 -0.18 9.38
N GLU A 4 -5.29 -1.40 8.93
CA GLU A 4 -5.76 -2.60 9.61
C GLU A 4 -4.64 -3.61 9.74
N SER A 5 -4.25 -4.19 8.61
CA SER A 5 -3.23 -5.22 8.56
C SER A 5 -1.85 -4.59 8.38
N ILE A 6 -0.78 -5.37 8.57
CA ILE A 6 0.57 -4.82 8.48
C ILE A 6 1.40 -5.59 7.43
N ALA A 7 0.76 -5.96 6.34
CA ALA A 7 1.46 -6.52 5.20
C ALA A 7 1.80 -5.40 4.22
N CYS A 8 2.79 -5.57 3.37
CA CYS A 8 3.11 -4.53 2.40
C CYS A 8 3.67 -5.09 1.10
N MET A 9 3.31 -4.42 0.02
CA MET A 9 3.73 -4.78 -1.33
C MET A 9 4.88 -3.89 -1.77
N GLN A 10 5.66 -4.37 -2.72
CA GLN A 10 6.83 -3.66 -3.23
C GLN A 10 6.43 -2.56 -4.22
N LYS A 11 7.43 -1.82 -4.69
CA LYS A 11 7.24 -0.75 -5.65
C LYS A 11 6.49 -1.25 -6.90
N GLY A 12 5.46 -0.51 -7.28
CA GLY A 12 4.72 -0.83 -8.49
C GLY A 12 3.68 -1.92 -8.26
N LEU A 13 3.51 -2.34 -7.03
CA LEU A 13 2.59 -3.43 -6.74
C LEU A 13 1.26 -2.88 -6.20
N PRO A 14 0.17 -3.64 -6.40
CA PRO A 14 -1.17 -3.24 -5.99
C PRO A 14 -1.33 -3.22 -4.47
N CYS A 15 -1.84 -2.12 -3.94
CA CYS A 15 -2.06 -2.01 -2.52
C CYS A 15 -3.36 -1.26 -2.27
N MET A 16 -4.21 -1.80 -1.40
CA MET A 16 -5.52 -1.21 -1.13
C MET A 16 -5.58 -0.72 0.30
N GLU A 17 -4.86 -1.41 1.17
CA GLU A 17 -4.70 -0.99 2.54
C GLU A 17 -3.55 0.02 2.61
N HIS A 18 -3.74 1.10 3.37
CA HIS A 18 -2.78 2.22 3.37
C HIS A 18 -1.35 1.75 3.56
N VAL A 19 -1.16 0.90 4.54
CA VAL A 19 0.18 0.43 4.90
C VAL A 19 0.55 -0.81 4.07
N ASP A 20 -0.37 -1.24 3.20
CA ASP A 20 -0.14 -2.41 2.35
C ASP A 20 0.90 -2.07 1.29
N CYS A 21 1.31 -0.82 1.26
CA CYS A 21 2.48 -0.41 0.49
C CYS A 21 3.67 -0.29 1.43
N CYS A 22 4.78 -0.91 1.07
CA CYS A 22 5.98 -0.85 1.91
C CYS A 22 6.53 0.57 1.99
N HIS A 23 6.00 1.45 1.14
CA HIS A 23 6.41 2.86 1.18
C HIS A 23 5.32 3.72 1.83
N GLY A 24 4.29 3.06 2.35
CA GLY A 24 3.33 3.73 3.21
C GLY A 24 2.26 4.56 2.50
N VAL A 25 2.33 4.66 1.18
CA VAL A 25 1.37 5.49 0.46
C VAL A 25 0.62 4.70 -0.61
N CYS A 26 -0.67 4.49 -0.37
CA CYS A 26 -1.53 3.83 -1.33
C CYS A 26 -2.47 4.81 -2.02
N ASP A 27 -2.20 5.07 -3.30
CA ASP A 27 -3.04 5.95 -4.11
C ASP A 27 -3.10 5.37 -5.51
N SER A 28 -4.23 5.53 -6.23
CA SER A 28 -4.40 4.89 -7.53
C SER A 28 -4.03 3.42 -7.37
N LEU A 29 -4.84 2.70 -6.59
CA LEU A 29 -4.36 1.72 -5.63
C LEU A 29 -3.25 0.83 -6.17
N PHE A 30 -2.05 1.38 -5.97
CA PHE A 30 -0.76 0.75 -6.14
C PHE A 30 0.16 1.47 -5.19
N CYS A 31 1.35 0.98 -4.97
CA CYS A 31 2.36 1.80 -4.29
C CYS A 31 2.56 3.09 -5.07
N LEU A 32 2.09 4.19 -4.48
CA LEU A 32 2.17 5.50 -5.11
C LEU A 32 3.62 5.88 -5.33
N TYR A 33 4.42 5.67 -4.30
CA TYR A 33 5.85 5.88 -4.39
C TYR A 33 6.53 4.57 -4.73
N GLY A 1 -10.58 -2.21 4.11
CA GLY A 1 -10.34 -0.76 3.98
C GLY A 1 -8.90 -0.40 4.27
N LEU A 2 -8.62 0.88 4.41
CA LEU A 2 -7.25 1.34 4.65
C LEU A 2 -6.89 1.20 6.13
N ILE A 3 -5.62 0.86 6.39
CA ILE A 3 -5.13 0.65 7.76
C ILE A 3 -5.93 -0.44 8.47
N GLU A 4 -5.61 -1.69 8.17
CA GLU A 4 -6.32 -2.83 8.75
C GLU A 4 -5.30 -3.89 9.19
N SER A 5 -4.39 -4.23 8.29
CA SER A 5 -3.39 -5.24 8.55
C SER A 5 -2.00 -4.64 8.28
N ILE A 6 -0.96 -5.46 8.31
CA ILE A 6 0.38 -4.95 8.05
C ILE A 6 1.12 -5.86 7.04
N ALA A 7 0.60 -5.88 5.84
CA ALA A 7 1.27 -6.56 4.73
C ALA A 7 2.11 -5.55 3.95
N CYS A 8 3.09 -6.02 3.18
CA CYS A 8 3.90 -5.11 2.39
C CYS A 8 4.05 -5.54 0.95
N MET A 9 3.59 -4.68 0.06
CA MET A 9 3.82 -4.81 -1.37
C MET A 9 4.93 -3.85 -1.77
N GLN A 10 5.57 -4.12 -2.89
CA GLN A 10 6.67 -3.27 -3.35
C GLN A 10 6.16 -2.15 -4.25
N LYS A 11 7.07 -1.27 -4.66
CA LYS A 11 6.72 -0.11 -5.49
C LYS A 11 6.00 -0.55 -6.77
N GLY A 12 4.87 0.09 -7.06
CA GLY A 12 4.14 -0.19 -8.28
C GLY A 12 3.25 -1.41 -8.19
N LEU A 13 3.24 -2.05 -7.03
CA LEU A 13 2.42 -3.23 -6.84
C LEU A 13 1.08 -2.87 -6.24
N PRO A 14 0.04 -3.68 -6.50
CA PRO A 14 -1.32 -3.40 -6.03
C PRO A 14 -1.41 -3.42 -4.52
N CYS A 15 -1.85 -2.30 -3.95
CA CYS A 15 -1.99 -2.18 -2.51
C CYS A 15 -3.39 -1.66 -2.21
N MET A 16 -4.05 -2.26 -1.22
CA MET A 16 -5.46 -1.96 -0.99
C MET A 16 -5.68 -1.11 0.25
N GLU A 17 -4.69 -1.08 1.12
CA GLU A 17 -4.77 -0.27 2.31
C GLU A 17 -3.51 0.57 2.46
N HIS A 18 -3.66 1.72 3.11
CA HIS A 18 -2.59 2.73 3.20
C HIS A 18 -1.23 2.11 3.55
N VAL A 19 -1.22 1.24 4.55
CA VAL A 19 0.02 0.68 5.06
C VAL A 19 0.47 -0.57 4.31
N ASP A 20 -0.32 -1.00 3.32
CA ASP A 20 -0.08 -2.25 2.61
C ASP A 20 1.24 -2.20 1.85
N CYS A 21 1.73 -1.00 1.58
CA CYS A 21 3.07 -0.83 1.05
C CYS A 21 4.02 -0.41 2.17
N CYS A 22 5.22 -1.00 2.18
CA CYS A 22 6.27 -0.60 3.14
C CYS A 22 6.51 0.91 3.10
N HIS A 23 6.20 1.55 1.97
CA HIS A 23 6.42 2.99 1.84
C HIS A 23 5.21 3.78 2.38
N GLY A 24 4.14 3.06 2.69
CA GLY A 24 3.02 3.66 3.40
C GLY A 24 2.15 4.61 2.60
N VAL A 25 2.25 4.59 1.28
CA VAL A 25 1.40 5.47 0.47
C VAL A 25 0.67 4.70 -0.62
N CYS A 26 -0.64 4.58 -0.46
CA CYS A 26 -1.48 3.97 -1.48
C CYS A 26 -2.34 5.01 -2.19
N ASP A 27 -2.13 5.16 -3.48
CA ASP A 27 -2.89 6.10 -4.29
C ASP A 27 -3.10 5.50 -5.67
N SER A 28 -4.36 5.42 -6.14
CA SER A 28 -4.64 4.76 -7.42
C SER A 28 -4.19 3.32 -7.28
N LEU A 29 -4.93 2.55 -6.46
CA LEU A 29 -4.36 1.55 -5.57
C LEU A 29 -3.24 0.73 -6.20
N PHE A 30 -2.06 1.30 -6.06
CA PHE A 30 -0.76 0.71 -6.26
C PHE A 30 0.17 1.46 -5.33
N CYS A 31 1.23 0.84 -4.85
CA CYS A 31 2.16 1.57 -4.00
C CYS A 31 2.72 2.76 -4.78
N LEU A 32 2.36 3.95 -4.30
CA LEU A 32 2.63 5.19 -5.00
C LEU A 32 4.12 5.52 -5.00
N TYR A 33 4.74 5.42 -3.84
CA TYR A 33 6.16 5.73 -3.69
C TYR A 33 7.01 4.52 -3.99
N GLY A 1 -10.28 -0.97 3.86
CA GLY A 1 -9.42 -1.18 5.04
C GLY A 1 -8.09 -0.45 4.91
N LEU A 2 -7.91 0.59 5.71
CA LEU A 2 -6.66 1.33 5.73
C LEU A 2 -6.19 1.54 7.17
N ILE A 3 -4.88 1.43 7.38
CA ILE A 3 -4.25 1.63 8.69
C ILE A 3 -4.55 0.44 9.59
N GLU A 4 -4.28 -0.75 9.07
CA GLU A 4 -4.46 -1.98 9.83
C GLU A 4 -3.21 -2.86 9.71
N SER A 5 -3.39 -4.16 9.72
CA SER A 5 -2.28 -5.11 9.63
C SER A 5 -1.81 -5.26 8.19
N ILE A 6 -1.61 -6.50 7.73
CA ILE A 6 -1.28 -6.80 6.32
C ILE A 6 0.22 -6.59 6.03
N ALA A 7 0.79 -7.51 5.25
CA ALA A 7 2.20 -7.49 4.89
C ALA A 7 2.48 -6.48 3.78
N CYS A 8 3.75 -6.07 3.66
CA CYS A 8 4.13 -5.03 2.70
C CYS A 8 4.39 -5.59 1.30
N MET A 9 3.93 -4.85 0.30
CA MET A 9 4.12 -5.18 -1.10
C MET A 9 5.27 -4.36 -1.68
N GLN A 10 5.74 -4.76 -2.85
CA GLN A 10 6.86 -4.07 -3.48
C GLN A 10 6.41 -2.84 -4.24
N LYS A 11 7.38 -2.06 -4.71
CA LYS A 11 7.13 -0.85 -5.48
C LYS A 11 6.40 -1.16 -6.78
N GLY A 12 5.34 -0.42 -7.04
CA GLY A 12 4.58 -0.58 -8.27
C GLY A 12 3.56 -1.70 -8.20
N LEU A 13 3.35 -2.27 -7.01
CA LEU A 13 2.41 -3.36 -6.85
C LEU A 13 1.07 -2.86 -6.35
N PRO A 14 -0.01 -3.62 -6.64
CA PRO A 14 -1.38 -3.23 -6.25
C PRO A 14 -1.58 -3.30 -4.75
N CYS A 15 -1.97 -2.18 -4.15
CA CYS A 15 -2.16 -2.13 -2.71
C CYS A 15 -3.62 -1.85 -2.40
N MET A 16 -4.12 -2.44 -1.31
CA MET A 16 -5.52 -2.25 -0.93
C MET A 16 -5.60 -1.81 0.53
N GLU A 17 -4.45 -1.44 1.06
CA GLU A 17 -4.33 -0.99 2.42
C GLU A 17 -3.22 0.06 2.50
N HIS A 18 -3.46 1.13 3.24
CA HIS A 18 -2.51 2.25 3.33
C HIS A 18 -1.11 1.76 3.69
N VAL A 19 -1.03 0.89 4.68
CA VAL A 19 0.25 0.36 5.15
C VAL A 19 0.69 -0.87 4.36
N ASP A 20 -0.10 -1.25 3.36
CA ASP A 20 0.19 -2.44 2.53
C ASP A 20 1.51 -2.24 1.81
N CYS A 21 1.82 -0.99 1.52
CA CYS A 21 3.10 -0.62 0.96
C CYS A 21 4.01 -0.12 2.07
N CYS A 22 5.27 -0.58 2.06
CA CYS A 22 6.26 -0.16 3.06
C CYS A 22 6.37 1.35 3.19
N HIS A 23 6.19 2.07 2.08
CA HIS A 23 6.27 3.53 2.11
C HIS A 23 4.97 4.16 2.61
N GLY A 24 3.96 3.31 2.82
CA GLY A 24 2.73 3.74 3.46
C GLY A 24 1.91 4.73 2.66
N VAL A 25 2.02 4.71 1.34
CA VAL A 25 1.24 5.61 0.51
C VAL A 25 0.47 4.84 -0.55
N CYS A 26 -0.85 4.77 -0.40
CA CYS A 26 -1.69 4.17 -1.42
C CYS A 26 -2.48 5.22 -2.19
N ASP A 27 -2.28 5.24 -3.49
CA ASP A 27 -3.02 6.14 -4.37
C ASP A 27 -3.16 5.45 -5.73
N SER A 28 -4.33 5.56 -6.37
CA SER A 28 -4.58 4.83 -7.62
C SER A 28 -4.17 3.38 -7.43
N LEU A 29 -4.93 2.68 -6.58
CA LEU A 29 -4.40 1.69 -5.64
C LEU A 29 -3.28 0.83 -6.22
N PHE A 30 -2.09 1.39 -6.06
CA PHE A 30 -0.81 0.77 -6.27
C PHE A 30 0.13 1.46 -5.30
N CYS A 31 1.23 0.83 -4.94
CA CYS A 31 2.24 1.50 -4.14
C CYS A 31 2.72 2.76 -4.86
N LEU A 32 2.24 3.91 -4.37
CA LEU A 32 2.48 5.20 -5.02
C LEU A 32 3.98 5.49 -5.05
N TYR A 33 4.65 5.20 -3.95
CA TYR A 33 6.09 5.35 -3.88
C TYR A 33 6.75 3.99 -4.00
N GLY A 1 -12.01 2.72 6.99
CA GLY A 1 -10.72 3.43 6.82
C GLY A 1 -9.64 2.52 6.29
N LEU A 2 -8.39 2.92 6.51
CA LEU A 2 -7.25 2.14 6.05
C LEU A 2 -6.33 1.82 7.21
N ILE A 3 -5.15 1.26 6.92
CA ILE A 3 -4.21 0.83 7.96
C ILE A 3 -4.84 -0.22 8.87
N GLU A 4 -4.98 -1.43 8.35
CA GLU A 4 -5.58 -2.54 9.10
C GLU A 4 -4.87 -3.85 8.77
N SER A 5 -3.92 -4.24 9.63
CA SER A 5 -3.18 -5.49 9.44
C SER A 5 -2.40 -5.43 8.12
N ILE A 6 -2.19 -6.60 7.51
CA ILE A 6 -1.63 -6.70 6.16
C ILE A 6 -0.11 -6.44 6.15
N ALA A 7 0.62 -7.34 5.51
CA ALA A 7 2.06 -7.18 5.30
C ALA A 7 2.28 -6.21 4.14
N CYS A 8 3.45 -5.59 4.06
CA CYS A 8 3.67 -4.57 3.05
C CYS A 8 4.33 -5.14 1.80
N MET A 9 3.95 -4.58 0.67
CA MET A 9 4.46 -4.99 -0.63
C MET A 9 5.39 -3.94 -1.21
N GLN A 10 6.05 -4.28 -2.31
CA GLN A 10 7.09 -3.45 -2.90
C GLN A 10 6.51 -2.36 -3.81
N LYS A 11 7.41 -1.51 -4.32
CA LYS A 11 7.05 -0.39 -5.18
C LYS A 11 6.37 -0.86 -6.46
N GLY A 12 5.29 -0.18 -6.82
CA GLY A 12 4.63 -0.45 -8.09
C GLY A 12 3.67 -1.62 -8.04
N LEU A 13 3.40 -2.14 -6.85
CA LEU A 13 2.48 -3.25 -6.70
C LEU A 13 1.10 -2.74 -6.28
N PRO A 14 0.03 -3.51 -6.56
CA PRO A 14 -1.35 -3.11 -6.27
C PRO A 14 -1.67 -3.16 -4.78
N CYS A 15 -2.03 -2.02 -4.21
CA CYS A 15 -2.25 -1.91 -2.77
C CYS A 15 -3.72 -1.66 -2.48
N MET A 16 -4.13 -1.93 -1.25
CA MET A 16 -5.50 -1.67 -0.84
C MET A 16 -5.57 -0.67 0.32
N GLU A 17 -4.52 -0.62 1.12
CA GLU A 17 -4.43 0.36 2.20
C GLU A 17 -3.02 0.92 2.33
N HIS A 18 -2.86 1.92 3.20
CA HIS A 18 -1.57 2.58 3.39
C HIS A 18 -0.46 1.59 3.73
N VAL A 19 -0.73 0.71 4.68
CA VAL A 19 0.29 -0.19 5.20
C VAL A 19 0.55 -1.37 4.27
N ASP A 20 -0.28 -1.51 3.25
CA ASP A 20 -0.09 -2.54 2.25
C ASP A 20 1.18 -2.27 1.48
N CYS A 21 1.55 -1.00 1.44
CA CYS A 21 2.81 -0.58 0.83
C CYS A 21 3.86 -0.33 1.91
N CYS A 22 5.09 -0.80 1.67
CA CYS A 22 6.18 -0.63 2.63
C CYS A 22 6.57 0.83 2.80
N HIS A 23 6.14 1.68 1.88
CA HIS A 23 6.43 3.11 1.99
C HIS A 23 5.20 3.90 2.42
N GLY A 24 4.13 3.18 2.79
CA GLY A 24 3.01 3.79 3.47
C GLY A 24 2.03 4.54 2.59
N VAL A 25 2.27 4.64 1.29
CA VAL A 25 1.40 5.44 0.44
C VAL A 25 0.65 4.60 -0.59
N CYS A 26 -0.65 4.46 -0.39
CA CYS A 26 -1.53 3.78 -1.33
C CYS A 26 -2.38 4.81 -2.08
N ASP A 27 -2.22 4.92 -3.38
CA ASP A 27 -2.99 5.88 -4.17
C ASP A 27 -3.21 5.33 -5.58
N SER A 28 -4.44 5.40 -6.10
CA SER A 28 -4.72 4.86 -7.43
C SER A 28 -4.32 3.40 -7.41
N LEU A 29 -5.06 2.61 -6.63
CA LEU A 29 -4.49 1.57 -5.76
C LEU A 29 -3.35 0.80 -6.41
N PHE A 30 -2.19 1.41 -6.25
CA PHE A 30 -0.88 0.85 -6.49
C PHE A 30 0.07 1.60 -5.57
N CYS A 31 1.11 0.96 -5.10
CA CYS A 31 2.08 1.62 -4.26
C CYS A 31 2.71 2.79 -4.99
N LEU A 32 2.28 3.99 -4.63
CA LEU A 32 2.74 5.23 -5.27
C LEU A 32 4.24 5.38 -5.07
N TYR A 33 4.68 5.12 -3.86
CA TYR A 33 6.08 5.14 -3.53
C TYR A 33 6.49 3.74 -3.09
N GLY A 1 -11.04 -0.83 4.00
CA GLY A 1 -9.98 -0.94 2.96
C GLY A 1 -8.63 -0.55 3.52
N LEU A 2 -8.42 0.74 3.72
CA LEU A 2 -7.17 1.23 4.27
C LEU A 2 -7.32 1.42 5.78
N ILE A 3 -6.21 1.33 6.50
CA ILE A 3 -6.18 1.48 7.96
C ILE A 3 -6.86 0.28 8.64
N GLU A 4 -6.45 -0.92 8.22
CA GLU A 4 -6.87 -2.15 8.88
C GLU A 4 -5.67 -3.03 9.21
N SER A 5 -5.42 -4.05 8.40
CA SER A 5 -4.32 -4.98 8.63
C SER A 5 -3.91 -5.69 7.32
N ILE A 6 -2.95 -5.11 6.61
CA ILE A 6 -2.50 -5.66 5.35
C ILE A 6 -0.97 -5.60 5.24
N ALA A 7 -0.36 -6.66 4.71
CA ALA A 7 1.09 -6.77 4.58
C ALA A 7 1.63 -5.86 3.48
N CYS A 8 2.93 -5.55 3.54
CA CYS A 8 3.54 -4.62 2.59
C CYS A 8 3.93 -5.30 1.28
N MET A 9 3.65 -4.57 0.20
CA MET A 9 3.98 -4.98 -1.16
C MET A 9 5.13 -4.14 -1.66
N GLN A 10 5.68 -4.50 -2.82
CA GLN A 10 6.77 -3.75 -3.40
C GLN A 10 6.26 -2.63 -4.29
N LYS A 11 7.17 -1.76 -4.71
CA LYS A 11 6.84 -0.62 -5.54
C LYS A 11 6.22 -1.08 -6.87
N GLY A 12 5.13 -0.43 -7.27
CA GLY A 12 4.49 -0.76 -8.52
C GLY A 12 3.48 -1.87 -8.40
N LEU A 13 3.35 -2.44 -7.21
CA LEU A 13 2.41 -3.52 -6.99
C LEU A 13 1.10 -2.97 -6.44
N PRO A 14 -0.02 -3.68 -6.67
CA PRO A 14 -1.34 -3.23 -6.22
C PRO A 14 -1.43 -3.14 -4.70
N CYS A 15 -1.76 -1.96 -4.19
CA CYS A 15 -1.88 -1.77 -2.75
C CYS A 15 -3.35 -1.58 -2.38
N MET A 16 -3.72 -1.94 -1.17
CA MET A 16 -5.10 -1.79 -0.72
C MET A 16 -5.16 -1.12 0.65
N GLU A 17 -4.00 -0.76 1.16
CA GLU A 17 -3.88 -0.23 2.51
C GLU A 17 -2.66 0.71 2.58
N HIS A 18 -2.62 1.58 3.57
CA HIS A 18 -1.49 2.48 3.74
C HIS A 18 -0.22 1.68 4.02
N VAL A 19 -0.32 0.74 4.96
CA VAL A 19 0.81 -0.08 5.33
C VAL A 19 1.00 -1.24 4.37
N ASP A 20 0.11 -1.31 3.38
CA ASP A 20 0.30 -2.23 2.26
C ASP A 20 1.55 -1.78 1.52
N CYS A 21 1.79 -0.49 1.58
CA CYS A 21 3.04 0.08 1.15
C CYS A 21 3.94 0.33 2.34
N CYS A 22 5.15 -0.21 2.30
CA CYS A 22 6.14 0.02 3.35
C CYS A 22 6.40 1.53 3.55
N HIS A 23 6.08 2.32 2.52
CA HIS A 23 6.28 3.76 2.59
C HIS A 23 4.97 4.49 2.95
N GLY A 24 3.95 3.73 3.31
CA GLY A 24 2.74 4.29 3.90
C GLY A 24 1.77 4.93 2.92
N VAL A 25 2.09 4.99 1.64
CA VAL A 25 1.22 5.69 0.69
C VAL A 25 0.58 4.75 -0.32
N CYS A 26 -0.72 4.56 -0.18
CA CYS A 26 -1.51 3.82 -1.15
C CYS A 26 -2.35 4.79 -1.97
N ASP A 27 -2.06 4.89 -3.26
CA ASP A 27 -2.75 5.84 -4.13
C ASP A 27 -3.06 5.16 -5.46
N SER A 28 -4.25 5.46 -6.05
CA SER A 28 -4.61 4.90 -7.35
C SER A 28 -4.26 3.42 -7.39
N LEU A 29 -5.00 2.64 -6.58
CA LEU A 29 -4.41 1.57 -5.77
C LEU A 29 -3.34 0.77 -6.51
N PHE A 30 -2.14 1.34 -6.39
CA PHE A 30 -0.87 0.72 -6.71
C PHE A 30 0.14 1.40 -5.81
N CYS A 31 1.13 0.65 -5.31
CA CYS A 31 2.08 1.21 -4.37
C CYS A 31 2.78 2.41 -4.99
N LEU A 32 2.48 3.59 -4.43
CA LEU A 32 2.83 4.86 -5.04
C LEU A 32 4.34 5.13 -4.91
N TYR A 33 4.89 4.93 -3.73
CA TYR A 33 6.30 5.18 -3.50
C TYR A 33 7.05 3.87 -3.31
#